data_7P2C
#
_entry.id   7P2C
#
_cell.length_a   102.500
_cell.length_b   102.500
_cell.length_c   237.400
_cell.angle_alpha   90.000
_cell.angle_beta   90.000
_cell.angle_gamma   90.000
#
_symmetry.space_group_name_H-M   'P 42 21 2'
#
loop_
_entity.id
_entity.type
_entity.pdbx_description
1 polymer 'Reaction center protein H chain'
2 polymer 'Reaction center protein L chain'
3 polymer 'Reaction center protein M chain'
4 non-polymer 'LAURYL DIMETHYLAMINE-N-OXIDE'
5 non-polymer '(2R)-2,3-dihydroxypropyl (9Z)-octadec-9-enoate'
6 non-polymer PENTADECANE
7 non-polymer 'BACTERIOCHLOROPHYLL A'
8 non-polymer 'BACTERIOPHEOPHYTIN A'
9 non-polymer '(2R)-2-hydroxy-3-(phosphonooxy)propyl (9E)-octadec-9-enoate'
10 non-polymer UBIQUINONE-10
11 non-polymer 'FE (III) ION'
12 non-polymer SPEROIDENONE
13 non-polymer 1,2-ETHANEDIOL
14 non-polymer 'PHOSPHATE ION'
15 water water
#
loop_
_entity_poly.entity_id
_entity_poly.type
_entity_poly.pdbx_seq_one_letter_code
_entity_poly.pdbx_strand_id
1 'polypeptide(L)'
;NFDLASLAIYSFWIFLAGLIYYLQTENMREGYPLENEDGTPAANQGPFPLPKPKTFILPHGRGTLTVPGPESEDRPIALA
RTAVSEGFPHAPTGDPMKDGVGPASWVARRDLPELDGHGHNKIKPMKAAAGFHVSAGKNPIGLPVRGCDLEIAGKVVDIW
VDIPEQMARFLEVELKDGSTRLLPMQMVKVQSNRVHVNALSSDLFAGIPTIKSPTEVTLLEEDKICGYVAGGLMYAAPKR
KS
;
H
2 'polypeptide(L)'
;ALLSFERKYRVPGGTLVGGNLFDFWVGPFYVGFFGVATFFFAALGIILIAWSAVLQGTWNPQLISVYPPALEYGLGGAPL
AKGGLWQIITICATGAFVSWALREVEICRKLGIGYHIPFAFAFAILAYLTLVLFRPVMMGAWGYAFPYGIWTHLDWVSNT
GYTYGNFHYNPAHMIAITFFFTNALALALHGALVLSAANPEKGKEMRTPDHEDTFFRDLVGYSIGTLGIHRLGLLLSLSA
VFFSALCMIITGTIWFDQWVDWWQWWVKLPWWANIPGGING
;
L
3 'polypeptide(L)'
;AEYQNIFTQVQVRGPADLGMTEDVNLANRSGVGPFSTLLGWFGNAQLGPIYLGSLGVLSLFSGLMWFFTIGIWFWYQAGW
NPAVFLRDLFFFSLEPPAPEYGLSFAAPLKEGGLWLIASFFMFVAVWSWWGRTYLRAQALGMGKHTAWAFLSAIWLWMVL
GFIRPILMGSWSEAVPYGIFSHLDWTNNFSLVHGNLHYNPFHGLSIAFLYGSALLFAMHGATILAVSRFGGERELEQIAD
RGTAAERAALFWRWTMGFNATMEGIHRWAIWMAVLVTLTGGIGILLSGTVVDNWYVWGQNHGM
;
M
#
loop_
_chem_comp.id
_chem_comp.type
_chem_comp.name
_chem_comp.formula
BCL non-polymer 'BACTERIOCHLOROPHYLL A' 'C55 H74 Mg N4 O6'
BPH non-polymer 'BACTERIOPHEOPHYTIN A' 'C55 H76 N4 O6'
EDO non-polymer 1,2-ETHANEDIOL 'C2 H6 O2'
FE non-polymer 'FE (III) ION' 'Fe 3'
LDA non-polymer 'LAURYL DIMETHYLAMINE-N-OXIDE' 'C14 H31 N O'
MYS non-polymer PENTADECANE 'C15 H32'
NKP non-polymer '(2R)-2-hydroxy-3-(phosphonooxy)propyl (9E)-octadec-9-enoate' 'C21 H41 O7 P'
OLC non-polymer '(2R)-2,3-dihydroxypropyl (9Z)-octadec-9-enoate' 'C21 H40 O4'
PO4 non-polymer 'PHOSPHATE ION' 'O4 P -3'
SPN non-polymer SPEROIDENONE 'C41 H70 O2'
U10 non-polymer UBIQUINONE-10 'C59 H90 O4'
#
# COMPACT_ATOMS: atom_id res chain seq x y z
N PHE A 2 -22.68 -23.91 -20.29
CA PHE A 2 -21.71 -23.01 -20.91
C PHE A 2 -22.39 -21.73 -21.37
N ASP A 3 -22.72 -20.87 -20.40
N ASP A 3 -22.72 -20.87 -20.40
CA ASP A 3 -23.37 -19.60 -20.69
CA ASP A 3 -23.36 -19.59 -20.68
C ASP A 3 -22.32 -18.49 -20.82
C ASP A 3 -22.32 -18.48 -20.76
N LEU A 4 -22.79 -17.25 -20.94
CA LEU A 4 -21.88 -16.12 -21.15
C LEU A 4 -21.06 -15.82 -19.91
N ALA A 5 -21.67 -15.92 -18.73
CA ALA A 5 -20.93 -15.73 -17.50
C ALA A 5 -19.84 -16.79 -17.35
N SER A 6 -20.16 -18.04 -17.69
CA SER A 6 -19.18 -19.11 -17.69
C SER A 6 -18.03 -18.80 -18.64
N LEU A 7 -18.35 -18.42 -19.88
CA LEU A 7 -17.30 -18.08 -20.84
C LEU A 7 -16.43 -16.95 -20.30
N ALA A 8 -17.04 -15.96 -19.64
CA ALA A 8 -16.28 -14.82 -19.14
C ALA A 8 -15.31 -15.24 -18.04
N ILE A 9 -15.77 -16.02 -17.06
CA ILE A 9 -14.90 -16.39 -15.94
C ILE A 9 -13.78 -17.30 -16.42
N TYR A 10 -14.06 -18.21 -17.36
CA TYR A 10 -13.00 -18.98 -17.99
C TYR A 10 -12.00 -18.07 -18.68
N SER A 11 -12.50 -17.14 -19.49
CA SER A 11 -11.61 -16.23 -20.20
C SER A 11 -10.74 -15.43 -19.23
N PHE A 12 -11.32 -14.99 -18.11
CA PHE A 12 -10.55 -14.17 -17.20
C PHE A 12 -9.37 -14.95 -16.65
N TRP A 13 -9.56 -16.23 -16.34
CA TRP A 13 -8.48 -17.00 -15.75
C TRP A 13 -7.34 -17.22 -16.73
N ILE A 14 -7.63 -17.36 -18.03
CA ILE A 14 -6.55 -17.47 -19.01
C ILE A 14 -5.80 -16.15 -19.14
N PHE A 15 -6.53 -15.03 -19.11
CA PHE A 15 -5.88 -13.72 -19.10
C PHE A 15 -5.01 -13.54 -17.86
N LEU A 16 -5.51 -13.98 -16.70
CA LEU A 16 -4.74 -13.82 -15.47
C LEU A 16 -3.41 -14.59 -15.54
N ALA A 17 -3.43 -15.81 -16.10
CA ALA A 17 -2.20 -16.61 -16.16
C ALA A 17 -1.18 -15.99 -17.11
N GLY A 18 -1.64 -15.41 -18.21
CA GLY A 18 -0.73 -14.68 -19.06
C GLY A 18 -0.20 -13.43 -18.38
N LEU A 19 -1.03 -12.75 -17.60
CA LEU A 19 -0.55 -11.57 -16.90
C LEU A 19 0.53 -11.93 -15.88
N ILE A 20 0.36 -13.04 -15.17
CA ILE A 20 1.34 -13.45 -14.16
C ILE A 20 2.66 -13.77 -14.81
N TYR A 21 2.61 -14.43 -15.97
CA TYR A 21 3.84 -14.79 -16.68
C TYR A 21 4.56 -13.57 -17.21
N TYR A 22 3.81 -12.56 -17.67
CA TYR A 22 4.45 -11.33 -18.09
C TYR A 22 5.07 -10.60 -16.89
N LEU A 23 4.32 -10.50 -15.80
CA LEU A 23 4.83 -9.78 -14.63
C LEU A 23 6.11 -10.43 -14.10
N GLN A 24 6.14 -11.77 -14.02
CA GLN A 24 7.32 -12.44 -13.50
C GLN A 24 8.55 -12.24 -14.38
N THR A 25 8.39 -12.31 -15.72
CA THR A 25 9.56 -12.07 -16.59
C THR A 25 10.02 -10.62 -16.50
N GLU A 26 9.10 -9.65 -16.39
CA GLU A 26 9.53 -8.26 -16.22
C GLU A 26 10.41 -8.09 -14.98
N ASN A 27 10.18 -8.94 -13.98
CA ASN A 27 10.90 -8.85 -12.73
C ASN A 27 12.18 -9.66 -12.72
N MET A 28 12.63 -10.13 -13.89
CA MET A 28 13.91 -10.82 -14.00
C MET A 28 14.92 -10.01 -14.81
N ARG A 29 14.72 -8.69 -14.92
CA ARG A 29 15.64 -7.86 -15.67
C ARG A 29 16.91 -7.51 -14.91
N GLU A 30 16.96 -7.77 -13.60
CA GLU A 30 18.19 -7.61 -12.81
C GLU A 30 18.48 -8.88 -12.03
N GLY A 31 19.76 -9.20 -11.88
CA GLY A 31 20.16 -10.31 -11.05
C GLY A 31 20.10 -11.68 -11.70
N TYR A 32 19.50 -11.80 -12.87
CA TYR A 32 19.45 -13.07 -13.59
C TYR A 32 20.39 -13.04 -14.78
N PRO A 33 20.86 -14.20 -15.25
CA PRO A 33 20.58 -15.59 -14.82
C PRO A 33 21.11 -15.94 -13.42
N LEU A 34 20.47 -16.92 -12.80
CA LEU A 34 20.93 -17.44 -11.52
C LEU A 34 22.31 -18.06 -11.68
N GLU A 35 23.14 -17.90 -10.64
CA GLU A 35 24.48 -18.45 -10.61
C GLU A 35 24.62 -19.47 -9.48
N ASN A 36 25.58 -20.35 -9.65
CA ASN A 36 26.08 -21.17 -8.56
C ASN A 36 26.98 -20.32 -7.68
N GLU A 37 27.28 -20.85 -6.50
CA GLU A 37 28.07 -20.14 -5.51
C GLU A 37 29.51 -19.92 -5.94
N ASP A 38 29.97 -20.60 -6.98
CA ASP A 38 31.25 -20.27 -7.58
C ASP A 38 31.12 -19.25 -8.71
N GLY A 39 29.91 -18.78 -9.02
CA GLY A 39 29.73 -17.78 -10.05
C GLY A 39 29.46 -18.32 -11.45
N THR A 40 29.50 -19.62 -11.65
CA THR A 40 29.07 -20.15 -12.93
C THR A 40 27.54 -20.19 -12.99
N PRO A 41 26.96 -20.17 -14.19
CA PRO A 41 25.51 -20.10 -14.29
C PRO A 41 24.85 -21.39 -13.83
N ALA A 42 23.76 -21.26 -13.06
CA ALA A 42 23.08 -22.42 -12.54
C ALA A 42 22.42 -23.21 -13.65
N ALA A 43 22.37 -24.53 -13.47
CA ALA A 43 21.71 -25.40 -14.43
C ALA A 43 20.20 -25.17 -14.44
N ASN A 44 19.59 -25.09 -13.27
CA ASN A 44 18.14 -24.86 -13.15
C ASN A 44 17.89 -23.36 -13.04
N GLN A 45 17.40 -22.76 -14.13
CA GLN A 45 17.01 -21.36 -14.12
C GLN A 45 15.51 -21.17 -13.91
N GLY A 46 14.75 -22.25 -13.85
CA GLY A 46 13.32 -22.14 -13.65
C GLY A 46 12.55 -22.17 -14.96
N PRO A 47 11.22 -22.14 -14.85
CA PRO A 47 10.37 -22.23 -16.06
C PRO A 47 10.12 -20.90 -16.74
N PHE A 48 10.53 -19.76 -16.15
CA PHE A 48 10.32 -18.50 -16.85
C PHE A 48 11.59 -18.10 -17.60
N PRO A 49 11.49 -17.74 -18.88
CA PRO A 49 12.68 -17.29 -19.61
C PRO A 49 13.02 -15.83 -19.31
N LEU A 50 14.27 -15.48 -19.59
CA LEU A 50 14.69 -14.11 -19.47
C LEU A 50 13.91 -13.21 -20.43
N PRO A 51 13.54 -12.00 -20.02
CA PRO A 51 12.89 -11.08 -20.95
C PRO A 51 13.89 -10.57 -21.98
N LYS A 52 13.35 -10.17 -23.13
CA LYS A 52 14.19 -9.52 -24.11
C LYS A 52 14.57 -8.10 -23.63
N PRO A 53 15.76 -7.62 -23.98
CA PRO A 53 16.26 -6.37 -23.41
C PRO A 53 15.33 -5.19 -23.72
N LYS A 54 15.32 -4.22 -22.81
CA LYS A 54 14.71 -2.92 -23.00
C LYS A 54 15.77 -1.89 -22.69
N THR A 55 15.58 -0.69 -23.20
N THR A 55 15.60 -0.69 -23.22
CA THR A 55 16.55 0.38 -23.04
CA THR A 55 16.57 0.38 -23.03
C THR A 55 15.90 1.57 -22.37
C THR A 55 15.91 1.59 -22.39
N PHE A 56 16.64 2.19 -21.45
CA PHE A 56 16.26 3.46 -20.85
C PHE A 56 17.25 4.50 -21.34
N ILE A 57 16.77 5.66 -21.74
CA ILE A 57 17.65 6.77 -22.09
C ILE A 57 17.73 7.69 -20.89
N LEU A 58 18.91 7.76 -20.28
CA LEU A 58 19.06 8.53 -19.05
C LEU A 58 19.12 10.01 -19.35
N PRO A 59 18.54 10.83 -18.48
CA PRO A 59 18.55 12.28 -18.71
C PRO A 59 19.94 12.87 -18.54
N HIS A 60 20.10 14.10 -19.03
CA HIS A 60 21.29 14.93 -18.83
C HIS A 60 22.53 14.33 -19.50
N GLY A 61 22.36 13.62 -20.60
CA GLY A 61 23.49 13.13 -21.37
C GLY A 61 24.23 11.99 -20.72
N ARG A 62 23.61 11.26 -19.79
CA ARG A 62 24.31 10.25 -19.02
C ARG A 62 24.31 8.88 -19.68
N GLY A 63 23.79 8.75 -20.89
CA GLY A 63 23.87 7.49 -21.62
C GLY A 63 22.57 6.71 -21.65
N THR A 64 22.71 5.41 -21.89
CA THR A 64 21.57 4.50 -21.91
C THR A 64 21.83 3.34 -20.96
N LEU A 65 20.75 2.70 -20.53
CA LEU A 65 20.82 1.47 -19.77
C LEU A 65 19.98 0.44 -20.50
N THR A 66 20.55 -0.74 -20.72
CA THR A 66 19.87 -1.87 -21.35
C THR A 66 19.85 -3.05 -20.39
N VAL A 67 18.66 -3.57 -20.09
CA VAL A 67 18.52 -4.67 -19.14
C VAL A 67 17.49 -5.65 -19.66
N PRO A 68 17.72 -6.98 -19.50
CA PRO A 68 18.91 -7.55 -18.89
C PRO A 68 20.14 -7.38 -19.78
N GLY A 69 21.31 -7.48 -19.18
CA GLY A 69 22.56 -7.55 -19.90
C GLY A 69 23.60 -8.24 -19.03
N PRO A 70 24.77 -8.51 -19.58
CA PRO A 70 25.81 -9.20 -18.79
C PRO A 70 26.16 -8.44 -17.53
N GLU A 71 26.02 -9.12 -16.39
CA GLU A 71 26.15 -8.55 -15.06
C GLU A 71 27.57 -8.71 -14.51
N SER A 72 27.98 -7.77 -13.66
CA SER A 72 29.26 -7.88 -12.98
C SER A 72 29.23 -7.07 -11.69
N GLU A 73 29.82 -7.62 -10.62
CA GLU A 73 29.90 -6.88 -9.36
C GLU A 73 30.82 -5.67 -9.48
N ASP A 74 31.86 -5.78 -10.31
CA ASP A 74 32.86 -4.71 -10.50
C ASP A 74 33.54 -4.32 -9.21
N ARG A 75 33.76 -5.27 -8.30
CA ARG A 75 34.47 -4.99 -7.05
C ARG A 75 34.92 -6.30 -6.43
N PRO A 76 36.02 -6.32 -5.72
CA PRO A 76 36.40 -7.55 -5.02
C PRO A 76 35.44 -7.84 -3.88
N ILE A 77 35.21 -9.12 -3.64
N ILE A 77 35.20 -9.12 -3.63
CA ILE A 77 34.31 -9.60 -2.60
CA ILE A 77 34.31 -9.58 -2.57
C ILE A 77 35.16 -10.46 -1.66
C ILE A 77 35.12 -10.47 -1.65
N ALA A 78 35.42 -9.96 -0.44
CA ALA A 78 36.33 -10.63 0.49
C ALA A 78 35.58 -11.64 1.37
N LEU A 79 35.14 -12.71 0.73
CA LEU A 79 34.43 -13.80 1.39
C LEU A 79 35.02 -15.11 0.90
N ALA A 80 34.88 -16.16 1.70
CA ALA A 80 35.33 -17.48 1.32
C ALA A 80 34.22 -18.48 1.55
N ARG A 81 34.08 -19.41 0.63
CA ARG A 81 33.11 -20.49 0.80
C ARG A 81 33.49 -21.34 2.00
N THR A 82 32.47 -21.75 2.77
CA THR A 82 32.68 -22.48 4.03
C THR A 82 31.99 -23.83 4.02
N ALA A 83 31.82 -24.43 2.85
CA ALA A 83 31.21 -25.75 2.72
C ALA A 83 31.29 -26.19 1.27
N VAL A 84 31.41 -27.50 1.08
CA VAL A 84 31.32 -28.05 -0.27
C VAL A 84 29.92 -27.86 -0.82
N SER A 85 28.91 -28.32 -0.07
CA SER A 85 27.52 -28.13 -0.47
C SER A 85 27.15 -26.65 -0.47
N GLU A 86 26.20 -26.30 -1.32
CA GLU A 86 25.67 -24.95 -1.33
C GLU A 86 24.63 -24.79 -0.23
N GLY A 87 24.34 -23.53 0.12
CA GLY A 87 23.31 -23.22 1.10
C GLY A 87 23.84 -22.71 2.43
N PHE A 88 25.14 -22.65 2.61
CA PHE A 88 25.80 -22.24 3.83
C PHE A 88 26.40 -20.84 3.70
N PRO A 89 26.51 -20.11 4.80
CA PRO A 89 27.09 -18.77 4.73
C PRO A 89 28.52 -18.79 4.21
N HIS A 90 28.92 -17.67 3.63
CA HIS A 90 30.30 -17.45 3.22
C HIS A 90 30.96 -16.54 4.25
N ALA A 91 32.22 -16.84 4.58
CA ALA A 91 32.75 -16.14 5.73
C ALA A 91 33.72 -15.04 5.33
N PRO A 92 33.66 -13.90 6.00
CA PRO A 92 34.60 -12.81 5.72
C PRO A 92 36.05 -13.25 5.94
N THR A 93 36.92 -12.85 5.03
CA THR A 93 38.35 -13.10 5.13
C THR A 93 39.11 -11.92 5.68
N GLY A 94 38.43 -10.80 5.94
CA GLY A 94 39.09 -9.67 6.55
C GLY A 94 38.18 -8.98 7.54
N ASP A 95 38.22 -7.65 7.51
CA ASP A 95 37.37 -6.81 8.33
C ASP A 95 36.13 -6.53 7.49
N PRO A 96 34.97 -7.09 7.83
CA PRO A 96 33.81 -6.97 6.92
C PRO A 96 33.29 -5.55 6.78
N MET A 97 33.52 -4.69 7.77
N MET A 97 33.53 -4.68 7.76
CA MET A 97 33.13 -3.29 7.65
CA MET A 97 33.11 -3.28 7.62
C MET A 97 34.00 -2.57 6.62
C MET A 97 34.00 -2.52 6.66
N LYS A 98 35.32 -2.74 6.72
CA LYS A 98 36.22 -2.12 5.75
C LYS A 98 36.09 -2.75 4.37
N ASP A 99 35.88 -4.06 4.30
CA ASP A 99 35.76 -4.75 3.02
C ASP A 99 34.38 -4.62 2.39
N GLY A 100 33.41 -4.11 3.13
CA GLY A 100 32.08 -3.88 2.61
C GLY A 100 31.37 -5.14 2.18
N VAL A 101 31.19 -6.11 3.08
CA VAL A 101 30.45 -7.33 2.80
C VAL A 101 29.37 -7.48 3.87
N GLY A 102 28.50 -8.46 3.67
CA GLY A 102 27.42 -8.68 4.58
C GLY A 102 26.51 -7.47 4.64
N PRO A 103 25.98 -7.16 5.83
CA PRO A 103 25.18 -5.92 5.98
C PRO A 103 26.02 -4.66 5.80
N ALA A 104 27.34 -4.75 5.71
CA ALA A 104 28.12 -3.58 5.35
C ALA A 104 28.31 -3.42 3.84
N SER A 105 27.61 -4.21 2.99
CA SER A 105 27.86 -4.19 1.54
C SER A 105 27.51 -2.85 0.90
N TRP A 106 28.26 -2.52 -0.15
CA TRP A 106 27.92 -1.42 -1.04
C TRP A 106 27.96 -1.93 -2.48
N VAL A 107 27.27 -1.22 -3.37
CA VAL A 107 27.20 -1.59 -4.77
C VAL A 107 28.05 -0.58 -5.54
N ALA A 108 28.71 -1.05 -6.59
CA ALA A 108 29.52 -0.19 -7.44
C ALA A 108 28.63 0.69 -8.32
N ARG A 109 27.86 1.60 -7.73
CA ARG A 109 27.10 2.51 -8.56
C ARG A 109 28.05 3.50 -9.24
N ARG A 110 27.49 4.29 -10.17
CA ARG A 110 28.29 5.30 -10.84
C ARG A 110 28.86 6.30 -9.85
N ASP A 111 30.10 6.72 -10.09
CA ASP A 111 30.75 7.71 -9.24
C ASP A 111 30.39 9.11 -9.71
N LEU A 112 29.09 9.39 -9.76
CA LEU A 112 28.53 10.67 -10.19
C LEU A 112 27.41 11.00 -9.23
N PRO A 113 27.16 12.27 -8.99
CA PRO A 113 26.00 12.63 -8.18
C PRO A 113 24.70 12.48 -8.96
N GLU A 114 23.64 12.12 -8.23
CA GLU A 114 22.30 12.19 -8.79
C GLU A 114 21.97 13.64 -9.10
N LEU A 115 21.35 13.89 -10.24
CA LEU A 115 20.95 15.22 -10.65
C LEU A 115 19.44 15.40 -10.53
N ASP A 116 19.00 16.65 -10.39
CA ASP A 116 17.56 16.92 -10.37
C ASP A 116 17.05 17.09 -11.80
N GLY A 117 15.79 17.51 -11.94
CA GLY A 117 15.19 17.70 -13.26
C GLY A 117 15.90 18.73 -14.12
N HIS A 118 16.65 19.64 -13.51
CA HIS A 118 17.33 20.70 -14.24
C HIS A 118 18.81 20.41 -14.50
N GLY A 119 19.32 19.27 -14.05
CA GLY A 119 20.73 18.94 -14.27
C GLY A 119 21.67 19.42 -13.19
N HIS A 120 21.16 19.93 -12.07
CA HIS A 120 21.97 20.35 -10.94
C HIS A 120 22.05 19.21 -9.93
N ASN A 121 23.10 19.24 -9.11
CA ASN A 121 23.26 18.22 -8.08
C ASN A 121 22.01 18.18 -7.19
N LYS A 122 21.50 16.97 -6.97
CA LYS A 122 20.29 16.80 -6.18
C LYS A 122 20.51 17.05 -4.70
N ILE A 123 21.67 16.67 -4.17
CA ILE A 123 21.95 16.78 -2.74
C ILE A 123 23.09 17.78 -2.57
N LYS A 124 22.90 18.73 -1.64
CA LYS A 124 23.88 19.79 -1.43
C LYS A 124 23.96 20.10 0.05
N PRO A 125 25.14 20.47 0.55
CA PRO A 125 25.20 21.02 1.92
C PRO A 125 24.45 22.33 1.94
N MET A 126 23.69 22.55 3.02
CA MET A 126 22.94 23.79 3.18
C MET A 126 23.78 25.04 2.91
N LYS A 127 25.02 25.08 3.41
CA LYS A 127 25.81 26.30 3.24
C LYS A 127 26.12 26.61 1.79
N ALA A 128 25.93 25.65 0.89
CA ALA A 128 25.98 25.91 -0.53
C ALA A 128 24.60 26.00 -1.15
N ALA A 129 23.54 25.77 -0.38
CA ALA A 129 22.19 25.65 -0.92
C ALA A 129 21.51 27.01 -0.80
N ALA A 130 21.51 27.76 -1.92
CA ALA A 130 20.92 29.09 -1.99
C ALA A 130 19.51 29.14 -1.40
N GLY A 131 19.41 29.69 -0.19
CA GLY A 131 18.11 30.01 0.38
C GLY A 131 17.54 28.98 1.33
N PHE A 132 18.20 27.84 1.51
CA PHE A 132 17.66 26.80 2.37
C PHE A 132 18.03 27.04 3.82
N HIS A 133 17.19 26.52 4.71
CA HIS A 133 17.28 26.75 6.14
C HIS A 133 16.35 25.76 6.82
N VAL A 134 16.55 25.58 8.12
CA VAL A 134 15.67 24.71 8.91
C VAL A 134 14.34 25.42 9.15
N SER A 135 13.26 24.63 9.23
CA SER A 135 11.93 25.21 9.30
C SER A 135 11.14 24.71 10.51
N ALA A 136 11.42 23.50 10.98
CA ALA A 136 10.73 22.98 12.16
C ALA A 136 11.55 21.84 12.76
N GLY A 137 11.18 21.45 13.97
CA GLY A 137 11.92 20.45 14.71
C GLY A 137 13.26 20.97 15.22
N LYS A 138 13.97 20.08 15.91
CA LYS A 138 15.23 20.45 16.54
C LYS A 138 16.32 20.67 15.48
N ASN A 139 16.83 21.88 15.39
CA ASN A 139 17.98 22.13 14.54
C ASN A 139 19.20 21.47 15.17
N PRO A 140 19.79 20.45 14.54
CA PRO A 140 20.88 19.71 15.17
C PRO A 140 22.26 20.31 14.94
N ILE A 141 22.38 21.37 14.15
CA ILE A 141 23.69 21.92 13.84
C ILE A 141 24.32 22.43 15.13
N GLY A 142 25.60 22.11 15.34
CA GLY A 142 26.28 22.41 16.58
C GLY A 142 26.04 21.42 17.72
N LEU A 143 25.07 20.52 17.59
CA LEU A 143 24.87 19.50 18.61
C LEU A 143 26.02 18.50 18.60
N PRO A 144 26.27 17.82 19.73
CA PRO A 144 27.27 16.75 19.73
C PRO A 144 26.67 15.43 19.30
N VAL A 145 27.52 14.60 18.70
CA VAL A 145 27.11 13.32 18.15
C VAL A 145 27.64 12.21 19.05
N ARG A 146 26.75 11.39 19.58
CA ARG A 146 27.09 10.31 20.50
C ARG A 146 26.90 8.93 19.86
N GLY A 147 27.90 8.06 20.05
CA GLY A 147 27.85 6.69 19.56
C GLY A 147 27.23 5.73 20.56
N CYS A 148 27.16 4.46 20.17
CA CYS A 148 26.49 3.46 21.00
C CYS A 148 27.33 3.08 22.22
N ASP A 149 28.60 3.46 22.26
CA ASP A 149 29.42 3.34 23.45
C ASP A 149 29.20 4.49 24.42
N LEU A 150 28.30 5.42 24.09
CA LEU A 150 27.96 6.58 24.89
C LEU A 150 29.11 7.56 25.02
N GLU A 151 30.05 7.53 24.09
CA GLU A 151 31.05 8.56 23.99
C GLU A 151 30.72 9.50 22.83
N ILE A 152 31.36 10.66 22.84
CA ILE A 152 31.14 11.67 21.82
C ILE A 152 32.13 11.48 20.68
N ALA A 153 31.63 11.49 19.45
CA ALA A 153 32.47 11.35 18.28
C ALA A 153 32.79 12.68 17.60
N GLY A 154 31.98 13.70 17.81
CA GLY A 154 32.14 14.95 17.07
C GLY A 154 30.87 15.79 17.20
N LYS A 155 30.72 16.73 16.28
CA LYS A 155 29.58 17.62 16.31
C LYS A 155 29.10 17.94 14.89
N VAL A 156 27.81 18.29 14.79
CA VAL A 156 27.16 18.55 13.50
C VAL A 156 27.57 19.92 12.99
N VAL A 157 28.17 19.97 11.81
CA VAL A 157 28.58 21.24 11.21
C VAL A 157 27.76 21.62 9.98
N ASP A 158 26.90 20.74 9.47
CA ASP A 158 26.02 21.11 8.36
C ASP A 158 24.96 20.03 8.18
N ILE A 159 23.97 20.35 7.35
CA ILE A 159 22.94 19.41 6.93
C ILE A 159 23.00 19.32 5.42
N TRP A 160 22.98 18.10 4.88
CA TRP A 160 22.94 17.90 3.43
C TRP A 160 21.48 17.66 3.03
N VAL A 161 20.99 18.48 2.10
CA VAL A 161 19.56 18.51 1.83
C VAL A 161 19.33 18.07 0.39
N ASP A 162 18.26 17.32 0.21
CA ASP A 162 17.70 17.01 -1.10
C ASP A 162 16.97 18.24 -1.58
N ILE A 163 17.52 18.94 -2.57
CA ILE A 163 16.92 20.23 -2.94
C ILE A 163 15.53 20.01 -3.52
N PRO A 164 15.36 19.26 -4.63
CA PRO A 164 14.03 19.14 -5.26
C PRO A 164 12.95 18.69 -4.32
N GLU A 165 13.27 17.86 -3.34
CA GLU A 165 12.28 17.28 -2.46
C GLU A 165 12.31 17.92 -1.07
N GLN A 166 13.16 18.92 -0.85
CA GLN A 166 13.21 19.72 0.38
C GLN A 166 13.21 18.82 1.62
N MET A 167 14.26 17.99 1.70
CA MET A 167 14.38 16.96 2.71
C MET A 167 15.84 16.85 3.16
N ALA A 168 16.03 16.69 4.46
CA ALA A 168 17.37 16.49 5.02
C ALA A 168 17.77 15.03 4.84
N ARG A 169 18.89 14.78 4.14
CA ARG A 169 19.29 13.40 3.90
C ARG A 169 20.52 12.96 4.69
N PHE A 170 21.49 13.84 4.95
CA PHE A 170 22.69 13.50 5.71
C PHE A 170 23.01 14.61 6.71
N LEU A 171 23.56 14.21 7.87
CA LEU A 171 24.24 15.13 8.78
C LEU A 171 25.73 15.12 8.47
N GLU A 172 26.34 16.31 8.40
CA GLU A 172 27.79 16.40 8.27
C GLU A 172 28.39 16.59 9.66
N VAL A 173 29.30 15.70 10.03
CA VAL A 173 29.80 15.61 11.41
C VAL A 173 31.30 15.83 11.39
N GLU A 174 31.75 16.76 12.22
CA GLU A 174 33.17 17.07 12.36
C GLU A 174 33.78 16.17 13.43
N LEU A 175 34.85 15.47 13.08
CA LEU A 175 35.50 14.60 14.04
C LEU A 175 36.60 15.35 14.78
N LYS A 176 37.14 14.69 15.80
CA LYS A 176 38.14 15.32 16.66
C LYS A 176 39.33 15.82 15.87
N ASP A 177 39.69 15.17 14.77
CA ASP A 177 40.83 15.63 14.00
C ASP A 177 40.46 16.74 13.01
N GLY A 178 39.20 17.17 12.99
CA GLY A 178 38.79 18.26 12.13
C GLY A 178 38.33 17.87 10.74
N SER A 179 38.44 16.60 10.36
CA SER A 179 37.79 16.14 9.14
C SER A 179 36.30 15.94 9.41
N THR A 180 35.53 15.70 8.35
CA THR A 180 34.11 15.46 8.52
C THR A 180 33.70 14.15 7.85
N ARG A 181 32.53 13.65 8.24
CA ARG A 181 31.90 12.49 7.63
C ARG A 181 30.41 12.78 7.47
N LEU A 182 29.76 12.10 6.51
CA LEU A 182 28.30 12.11 6.39
C LEU A 182 27.69 10.95 7.17
N LEU A 183 26.58 11.24 7.83
CA LEU A 183 25.78 10.26 8.54
C LEU A 183 24.38 10.28 7.96
N PRO A 184 23.83 9.15 7.53
CA PRO A 184 22.46 9.14 6.96
C PRO A 184 21.44 9.57 8.00
N MET A 185 20.57 10.50 7.59
CA MET A 185 19.47 10.97 8.42
C MET A 185 18.64 9.82 9.00
N GLN A 186 18.46 8.76 8.23
CA GLN A 186 17.60 7.69 8.70
C GLN A 186 18.23 6.84 9.79
N MET A 187 19.52 7.03 10.07
CA MET A 187 20.21 6.20 11.06
C MET A 187 20.59 6.99 12.32
N VAL A 188 20.02 8.19 12.52
CA VAL A 188 20.33 9.02 13.67
C VAL A 188 19.05 9.39 14.41
N LYS A 189 19.21 9.66 15.70
CA LYS A 189 18.13 10.19 16.50
C LYS A 189 18.51 11.58 16.99
N VAL A 190 17.83 12.60 16.47
CA VAL A 190 18.07 13.97 16.91
C VAL A 190 17.33 14.20 18.22
N GLN A 191 18.06 14.30 19.31
CA GLN A 191 17.48 14.51 20.62
C GLN A 191 17.62 15.98 21.02
N SER A 192 17.09 16.32 22.19
CA SER A 192 17.09 17.72 22.61
C SER A 192 18.50 18.26 22.82
N ASN A 193 19.43 17.41 23.29
CA ASN A 193 20.78 17.84 23.66
C ASN A 193 21.88 17.16 22.86
N ARG A 194 21.56 16.29 21.91
CA ARG A 194 22.59 15.56 21.17
C ARG A 194 21.93 14.80 20.02
N VAL A 195 22.78 14.36 19.09
CA VAL A 195 22.42 13.37 18.08
C VAL A 195 22.98 12.02 18.53
N HIS A 196 22.12 11.02 18.71
CA HIS A 196 22.55 9.69 19.11
C HIS A 196 22.58 8.75 17.90
N VAL A 197 23.66 7.97 17.78
CA VAL A 197 23.84 6.99 16.70
C VAL A 197 24.02 5.61 17.32
N ASN A 198 23.00 4.78 17.21
CA ASN A 198 23.06 3.43 17.76
C ASN A 198 23.93 2.48 16.93
N ALA A 199 24.13 2.76 15.63
CA ALA A 199 24.79 1.78 14.75
C ALA A 199 26.30 1.72 14.95
N LEU A 200 26.92 2.81 15.40
CA LEU A 200 28.37 2.93 15.46
C LEU A 200 28.82 3.33 16.85
N SER A 201 29.94 2.78 17.30
CA SER A 201 30.62 3.34 18.45
C SER A 201 31.39 4.59 18.03
N SER A 202 31.77 5.40 19.02
CA SER A 202 32.46 6.67 18.71
C SER A 202 33.74 6.45 17.91
N ASP A 203 34.45 5.36 18.17
CA ASP A 203 35.71 5.16 17.50
C ASP A 203 35.57 4.50 16.14
N LEU A 204 34.33 4.26 15.69
CA LEU A 204 34.12 3.77 14.34
C LEU A 204 33.70 4.86 13.36
N PHE A 205 33.46 6.08 13.84
CA PHE A 205 33.09 7.19 12.95
C PHE A 205 34.21 7.53 11.97
N ALA A 206 35.47 7.47 12.42
CA ALA A 206 36.58 7.82 11.52
C ALA A 206 36.67 6.90 10.33
N GLY A 207 36.21 5.66 10.47
CA GLY A 207 36.20 4.76 9.35
C GLY A 207 35.04 4.92 8.38
N ILE A 208 34.07 5.80 8.67
CA ILE A 208 33.08 6.08 7.62
C ILE A 208 33.82 6.55 6.36
N PRO A 209 33.51 6.01 5.19
CA PRO A 209 34.23 6.43 3.98
C PRO A 209 34.07 7.91 3.70
N THR A 210 35.15 8.53 3.23
CA THR A 210 35.18 9.97 2.93
C THR A 210 34.73 10.23 1.49
N ILE A 211 34.26 11.45 1.26
CA ILE A 211 33.85 11.90 -0.06
C ILE A 211 34.96 12.75 -0.66
N LYS A 212 35.03 12.80 -1.99
CA LYS A 212 36.13 13.51 -2.63
C LYS A 212 35.89 15.01 -2.81
N SER A 213 34.65 15.48 -2.65
N SER A 213 34.65 15.49 -2.63
CA SER A 213 34.38 16.91 -2.78
CA SER A 213 34.39 16.91 -2.78
C SER A 213 33.59 17.40 -1.57
C SER A 213 33.56 17.42 -1.60
N PRO A 214 33.86 18.62 -1.10
CA PRO A 214 33.13 19.14 0.06
C PRO A 214 31.73 19.61 -0.23
N THR A 215 31.30 19.69 -1.49
CA THR A 215 29.96 20.16 -1.80
C THR A 215 29.14 19.19 -2.66
N GLU A 216 29.63 17.99 -2.94
CA GLU A 216 28.79 17.01 -3.63
C GLU A 216 29.11 15.61 -3.12
N VAL A 217 28.14 14.69 -3.28
CA VAL A 217 28.30 13.29 -2.93
C VAL A 217 27.80 12.43 -4.09
N THR A 218 28.63 11.48 -4.53
CA THR A 218 28.24 10.67 -5.68
C THR A 218 27.42 9.45 -5.23
N LEU A 219 26.77 8.79 -6.19
CA LEU A 219 25.97 7.62 -5.85
C LEU A 219 26.83 6.52 -5.25
N LEU A 220 28.04 6.33 -5.79
CA LEU A 220 28.96 5.36 -5.22
C LEU A 220 29.28 5.69 -3.77
N GLU A 221 29.55 6.96 -3.48
CA GLU A 221 29.89 7.37 -2.11
C GLU A 221 28.72 7.15 -1.16
N GLU A 222 27.50 7.46 -1.60
CA GLU A 222 26.32 7.25 -0.75
C GLU A 222 26.20 5.80 -0.35
N ASP A 223 26.43 4.89 -1.30
CA ASP A 223 26.29 3.46 -1.02
C ASP A 223 27.36 2.99 -0.05
N LYS A 224 28.61 3.45 -0.23
CA LYS A 224 29.67 3.08 0.70
C LYS A 224 29.37 3.61 2.08
N ILE A 225 28.90 4.86 2.17
CA ILE A 225 28.61 5.46 3.46
C ILE A 225 27.45 4.73 4.14
N CYS A 226 26.33 4.54 3.43
CA CYS A 226 25.15 3.94 4.07
C CYS A 226 25.38 2.46 4.38
N GLY A 227 26.10 1.75 3.51
CA GLY A 227 26.49 0.38 3.82
C GLY A 227 27.34 0.27 5.06
N TYR A 228 28.37 1.13 5.17
CA TYR A 228 29.23 1.10 6.35
C TYR A 228 28.41 1.31 7.63
N VAL A 229 27.58 2.35 7.65
CA VAL A 229 26.84 2.69 8.87
C VAL A 229 25.90 1.56 9.27
N ALA A 230 25.16 0.98 8.31
CA ALA A 230 24.23 -0.09 8.66
C ALA A 230 24.95 -1.37 9.08
N GLY A 231 26.15 -1.60 8.56
CA GLY A 231 26.89 -2.79 8.98
C GLY A 231 27.32 -2.76 10.43
N GLY A 232 27.36 -1.58 11.05
CA GLY A 232 27.69 -1.48 12.45
C GLY A 232 26.67 -2.14 13.36
N LEU A 233 25.42 -2.25 12.92
CA LEU A 233 24.41 -2.96 13.71
C LEU A 233 24.83 -4.39 13.97
N MET A 234 25.45 -5.04 12.99
CA MET A 234 25.95 -6.38 13.21
C MET A 234 27.37 -6.35 13.78
N TYR A 235 28.26 -5.57 13.17
CA TYR A 235 29.69 -5.73 13.40
C TYR A 235 30.28 -4.84 14.50
N ALA A 236 29.52 -3.87 15.01
CA ALA A 236 29.93 -3.08 16.17
C ALA A 236 29.26 -3.56 17.43
N ALA A 237 28.56 -4.71 17.37
CA ALA A 237 27.82 -5.20 18.52
C ALA A 237 28.66 -5.47 19.76
N PRO A 238 29.95 -5.89 19.68
CA PRO A 238 30.77 -5.97 20.91
C PRO A 238 31.00 -4.63 21.59
N LYS A 239 30.43 -3.56 21.05
CA LYS A 239 30.56 -2.24 21.65
C LYS A 239 29.21 -1.58 21.97
N ARG A 240 28.10 -2.30 21.78
CA ARG A 240 26.77 -1.74 22.04
C ARG A 240 26.37 -1.95 23.50
N ALA B 1 20.67 -21.84 -6.01
CA ALA B 1 21.18 -20.82 -6.93
C ALA B 1 21.06 -19.41 -6.33
N LEU B 2 21.92 -18.51 -6.79
CA LEU B 2 22.04 -17.13 -6.32
C LEU B 2 21.67 -16.14 -7.42
N LEU B 3 21.04 -15.02 -7.04
CA LEU B 3 21.07 -13.85 -7.91
C LEU B 3 22.52 -13.42 -8.11
N SER B 4 22.76 -12.67 -9.20
CA SER B 4 24.14 -12.34 -9.56
C SER B 4 24.82 -11.44 -8.54
N PHE B 5 24.06 -10.71 -7.74
CA PHE B 5 24.63 -9.80 -6.75
C PHE B 5 24.52 -10.34 -5.33
N GLU B 6 24.10 -11.59 -5.15
CA GLU B 6 23.62 -12.07 -3.88
C GLU B 6 24.73 -12.54 -2.94
N ARG B 7 25.83 -13.07 -3.50
CA ARG B 7 26.84 -13.76 -2.70
C ARG B 7 27.32 -12.91 -1.54
N LYS B 8 27.66 -11.64 -1.80
CA LYS B 8 28.28 -10.79 -0.78
C LYS B 8 27.39 -10.58 0.44
N TYR B 9 26.09 -10.87 0.34
CA TYR B 9 25.19 -10.71 1.47
C TYR B 9 25.02 -11.97 2.28
N ARG B 10 25.47 -13.11 1.79
CA ARG B 10 25.17 -14.38 2.45
C ARG B 10 26.24 -14.64 3.50
N VAL B 11 26.23 -13.82 4.55
CA VAL B 11 27.24 -13.92 5.60
C VAL B 11 26.63 -14.65 6.80
N PRO B 12 27.45 -15.18 7.71
CA PRO B 12 26.90 -15.71 8.97
C PRO B 12 26.45 -14.60 9.89
N GLY B 13 25.49 -14.91 10.76
CA GLY B 13 25.09 -13.96 11.78
C GLY B 13 23.66 -13.45 11.61
N GLY B 14 23.14 -12.90 12.70
CA GLY B 14 21.82 -12.31 12.71
C GLY B 14 20.73 -13.14 13.36
N THR B 15 20.99 -14.41 13.68
CA THR B 15 19.93 -15.25 14.23
C THR B 15 19.58 -14.81 15.64
N LEU B 16 18.34 -15.08 16.03
CA LEU B 16 17.87 -14.82 17.39
C LEU B 16 18.05 -16.04 18.29
N VAL B 17 17.82 -17.22 17.77
CA VAL B 17 17.92 -18.47 18.52
C VAL B 17 18.77 -19.45 17.71
N GLY B 18 19.67 -20.17 18.39
CA GLY B 18 20.36 -21.29 17.80
C GLY B 18 21.75 -21.00 17.25
N GLY B 19 22.19 -19.75 17.27
CA GLY B 19 23.51 -19.44 16.74
C GLY B 19 23.58 -19.81 15.27
N ASN B 20 24.68 -20.48 14.89
CA ASN B 20 24.90 -20.92 13.52
C ASN B 20 24.27 -22.27 13.20
N LEU B 21 23.45 -22.82 14.10
CA LEU B 21 22.94 -24.17 13.90
C LEU B 21 22.01 -24.26 12.70
N PHE B 22 21.07 -23.31 12.57
CA PHE B 22 20.12 -23.31 11.46
C PHE B 22 20.40 -22.16 10.49
N ASP B 23 21.60 -21.60 10.53
CA ASP B 23 21.96 -20.41 9.77
C ASP B 23 22.43 -20.87 8.38
N PHE B 24 21.46 -21.16 7.53
CA PHE B 24 21.73 -21.62 6.17
C PHE B 24 20.44 -21.50 5.34
N TRP B 25 20.60 -21.79 4.05
CA TRP B 25 19.57 -21.60 3.04
C TRP B 25 19.25 -22.94 2.40
N VAL B 26 17.99 -23.14 2.03
CA VAL B 26 17.59 -24.24 1.14
C VAL B 26 17.13 -23.58 -0.16
N GLY B 27 17.98 -23.62 -1.17
CA GLY B 27 17.74 -22.90 -2.39
C GLY B 27 17.79 -21.40 -2.15
N PRO B 28 16.70 -20.71 -2.51
CA PRO B 28 16.62 -19.29 -2.18
C PRO B 28 16.13 -19.02 -0.77
N PHE B 29 15.47 -19.99 -0.15
CA PHE B 29 14.80 -19.80 1.13
C PHE B 29 15.82 -19.79 2.27
N TYR B 30 15.81 -18.73 3.08
CA TYR B 30 16.56 -18.80 4.33
C TYR B 30 15.81 -19.68 5.33
N VAL B 31 16.56 -20.43 6.14
CA VAL B 31 15.94 -21.34 7.11
C VAL B 31 15.88 -20.65 8.48
N GLY B 32 16.94 -20.81 9.27
CA GLY B 32 16.90 -20.28 10.62
C GLY B 32 16.01 -21.11 11.53
N PHE B 33 16.11 -20.88 12.84
CA PHE B 33 15.30 -21.66 13.78
C PHE B 33 13.81 -21.49 13.49
N PHE B 34 13.38 -20.28 13.15
CA PHE B 34 11.95 -20.11 12.97
C PHE B 34 11.45 -20.59 11.62
N GLY B 35 12.36 -20.87 10.68
CA GLY B 35 11.99 -21.65 9.51
C GLY B 35 11.66 -23.09 9.87
N VAL B 36 12.44 -23.68 10.78
CA VAL B 36 12.13 -25.03 11.23
C VAL B 36 10.79 -25.05 11.97
N ALA B 37 10.62 -24.12 12.92
CA ALA B 37 9.32 -23.99 13.59
C ALA B 37 8.17 -23.83 12.61
N THR B 38 8.34 -22.97 11.59
CA THR B 38 7.27 -22.74 10.62
C THR B 38 6.90 -24.03 9.91
N PHE B 39 7.91 -24.78 9.47
CA PHE B 39 7.68 -26.07 8.83
C PHE B 39 6.88 -26.99 9.74
N PHE B 40 7.25 -27.05 11.01
CA PHE B 40 6.59 -27.93 11.97
C PHE B 40 5.10 -27.61 12.07
N PHE B 41 4.77 -26.35 12.39
CA PHE B 41 3.37 -26.00 12.60
C PHE B 41 2.57 -26.20 11.32
N ALA B 42 3.14 -25.81 10.17
CA ALA B 42 2.44 -25.92 8.89
C ALA B 42 2.18 -27.37 8.53
N ALA B 43 3.22 -28.19 8.55
CA ALA B 43 3.09 -29.61 8.22
C ALA B 43 2.00 -30.27 9.06
N LEU B 44 2.06 -30.08 10.38
CA LEU B 44 1.09 -30.70 11.26
C LEU B 44 -0.32 -30.17 11.00
N GLY B 45 -0.46 -28.85 10.84
CA GLY B 45 -1.76 -28.29 10.50
C GLY B 45 -2.28 -28.83 9.18
N ILE B 46 -1.38 -29.19 8.27
CA ILE B 46 -1.78 -29.78 6.99
C ILE B 46 -2.20 -31.23 7.19
N ILE B 47 -1.52 -31.95 8.07
CA ILE B 47 -1.91 -33.32 8.41
C ILE B 47 -3.32 -33.35 8.99
N LEU B 48 -3.59 -32.47 9.96
CA LEU B 48 -4.89 -32.41 10.60
C LEU B 48 -5.99 -32.12 9.59
N ILE B 49 -5.75 -31.18 8.67
CA ILE B 49 -6.73 -30.86 7.64
C ILE B 49 -6.98 -32.09 6.78
N ALA B 50 -5.95 -32.90 6.54
CA ALA B 50 -6.13 -34.16 5.82
C ALA B 50 -7.01 -35.12 6.61
N TRP B 51 -6.72 -35.28 7.91
CA TRP B 51 -7.55 -36.10 8.79
C TRP B 51 -9.00 -35.65 8.75
N SER B 52 -9.24 -34.35 8.95
CA SER B 52 -10.60 -33.81 8.93
C SER B 52 -11.27 -34.05 7.57
N ALA B 53 -10.50 -34.14 6.50
CA ALA B 53 -11.10 -34.45 5.21
C ALA B 53 -11.59 -35.90 5.18
N VAL B 54 -10.85 -36.82 5.80
CA VAL B 54 -11.27 -38.21 5.84
C VAL B 54 -12.53 -38.37 6.68
N LEU B 55 -12.52 -37.79 7.88
CA LEU B 55 -13.70 -37.81 8.75
C LEU B 55 -14.91 -37.21 8.05
N GLN B 56 -14.70 -36.11 7.33
CA GLN B 56 -15.79 -35.50 6.56
C GLN B 56 -16.24 -36.42 5.43
N GLY B 57 -15.31 -37.12 4.80
CA GLY B 57 -15.62 -38.01 3.70
C GLY B 57 -15.73 -37.30 2.37
N THR B 58 -14.69 -36.56 1.98
CA THR B 58 -14.62 -35.96 0.67
C THR B 58 -13.17 -35.58 0.38
N TRP B 59 -12.78 -35.68 -0.89
CA TRP B 59 -11.47 -35.27 -1.34
C TRP B 59 -11.49 -33.95 -2.10
N ASN B 60 -12.66 -33.45 -2.45
CA ASN B 60 -12.74 -32.19 -3.19
C ASN B 60 -12.46 -31.02 -2.25
N PRO B 61 -11.57 -30.10 -2.62
CA PRO B 61 -11.21 -29.01 -1.70
C PRO B 61 -12.34 -28.01 -1.47
N GLN B 62 -13.28 -27.86 -2.41
CA GLN B 62 -14.37 -26.92 -2.20
C GLN B 62 -15.38 -27.41 -1.16
N LEU B 63 -15.33 -28.69 -0.79
CA LEU B 63 -16.25 -29.24 0.19
C LEU B 63 -15.65 -29.39 1.58
N ILE B 64 -14.33 -29.54 1.69
CA ILE B 64 -13.70 -29.71 2.99
C ILE B 64 -13.96 -28.49 3.85
N SER B 65 -14.53 -28.71 5.03
CA SER B 65 -14.79 -27.61 5.96
C SER B 65 -14.59 -28.09 7.39
N VAL B 66 -13.70 -27.43 8.12
CA VAL B 66 -13.38 -27.82 9.48
C VAL B 66 -14.09 -26.84 10.41
N TYR B 67 -15.06 -27.34 11.15
CA TYR B 67 -15.90 -26.45 11.93
C TYR B 67 -15.40 -26.30 13.36
N PRO B 68 -15.66 -25.17 13.99
CA PRO B 68 -15.34 -25.01 15.40
C PRO B 68 -16.40 -25.69 16.26
N PRO B 69 -16.18 -25.82 17.57
CA PRO B 69 -17.15 -26.54 18.41
C PRO B 69 -18.50 -25.84 18.52
N ALA B 70 -19.54 -26.66 18.74
CA ALA B 70 -20.89 -26.15 18.99
C ALA B 70 -20.88 -25.15 20.14
N LEU B 71 -21.79 -24.18 20.09
CA LEU B 71 -21.82 -23.12 21.11
C LEU B 71 -21.94 -23.68 22.54
N GLU B 72 -22.56 -24.85 22.69
CA GLU B 72 -22.77 -25.38 24.03
C GLU B 72 -21.46 -25.75 24.70
N TYR B 73 -20.42 -26.05 23.90
CA TYR B 73 -19.09 -26.35 24.47
C TYR B 73 -18.43 -25.15 25.12
N GLY B 74 -19.04 -23.97 25.02
CA GLY B 74 -18.46 -22.79 25.65
C GLY B 74 -17.03 -22.57 25.19
N LEU B 75 -16.16 -22.29 26.15
CA LEU B 75 -14.74 -22.10 25.86
C LEU B 75 -13.93 -23.36 26.14
N GLY B 76 -14.56 -24.53 26.18
CA GLY B 76 -13.87 -25.74 26.58
C GLY B 76 -13.31 -26.52 25.41
N GLY B 77 -12.48 -27.52 25.73
CA GLY B 77 -12.00 -28.41 24.72
C GLY B 77 -13.11 -29.28 24.18
N ALA B 78 -12.95 -29.74 22.95
CA ALA B 78 -13.96 -30.53 22.27
C ALA B 78 -13.31 -31.77 21.67
N PRO B 79 -14.08 -32.83 21.44
CA PRO B 79 -13.52 -33.99 20.75
C PRO B 79 -13.13 -33.64 19.32
N LEU B 80 -12.09 -34.34 18.83
CA LEU B 80 -11.50 -34.10 17.52
C LEU B 80 -12.53 -33.82 16.44
N ALA B 81 -13.44 -34.76 16.21
CA ALA B 81 -14.39 -34.60 15.13
C ALA B 81 -15.57 -33.70 15.48
N LYS B 82 -15.64 -33.17 16.70
CA LYS B 82 -16.77 -32.31 17.09
C LYS B 82 -16.30 -30.91 17.45
N GLY B 83 -15.29 -30.39 16.74
CA GLY B 83 -14.76 -29.07 17.00
C GLY B 83 -13.33 -29.06 17.49
N GLY B 84 -12.74 -30.23 17.76
CA GLY B 84 -11.40 -30.34 18.29
C GLY B 84 -10.29 -30.10 17.29
N LEU B 85 -10.44 -30.64 16.08
CA LEU B 85 -9.46 -30.38 15.03
C LEU B 85 -9.35 -28.89 14.73
N TRP B 86 -10.49 -28.21 14.60
CA TRP B 86 -10.48 -26.75 14.50
C TRP B 86 -9.63 -26.11 15.59
N GLN B 87 -9.77 -26.57 16.83
CA GLN B 87 -8.98 -25.99 17.93
C GLN B 87 -7.47 -26.23 17.74
N ILE B 88 -7.09 -27.44 17.32
CA ILE B 88 -5.66 -27.74 17.18
C ILE B 88 -5.10 -27.07 15.93
N ILE B 89 -5.89 -27.05 14.85
CA ILE B 89 -5.46 -26.34 13.65
C ILE B 89 -5.25 -24.86 13.96
N THR B 90 -6.15 -24.26 14.75
CA THR B 90 -5.98 -22.85 15.11
C THR B 90 -4.70 -22.62 15.88
N ILE B 91 -4.33 -23.56 16.76
CA ILE B 91 -3.04 -23.50 17.45
C ILE B 91 -1.89 -23.52 16.47
N CYS B 92 -1.96 -24.41 15.46
CA CYS B 92 -0.83 -24.55 14.53
C CYS B 92 -0.74 -23.35 13.59
N ALA B 93 -1.88 -22.83 13.14
CA ALA B 93 -1.89 -21.64 12.31
C ALA B 93 -1.27 -20.46 13.05
N THR B 94 -1.72 -20.23 14.29
CA THR B 94 -1.13 -19.17 15.11
C THR B 94 0.38 -19.36 15.24
N GLY B 95 0.83 -20.59 15.50
CA GLY B 95 2.26 -20.83 15.59
C GLY B 95 2.96 -20.54 14.28
N ALA B 96 2.37 -20.95 13.17
CA ALA B 96 2.99 -20.73 11.86
C ALA B 96 3.08 -19.24 11.55
N PHE B 97 1.99 -18.49 11.77
CA PHE B 97 1.99 -17.07 11.46
C PHE B 97 3.04 -16.33 12.31
N VAL B 98 3.12 -16.66 13.60
CA VAL B 98 4.07 -15.99 14.48
C VAL B 98 5.51 -16.41 14.15
N SER B 99 5.71 -17.69 13.82
CA SER B 99 7.03 -18.16 13.45
C SER B 99 7.51 -17.46 12.18
N TRP B 100 6.59 -17.23 11.24
CA TRP B 100 6.93 -16.54 10.00
C TRP B 100 7.41 -15.14 10.28
N ALA B 101 6.74 -14.44 11.21
CA ALA B 101 7.14 -13.08 11.56
C ALA B 101 8.53 -13.04 12.17
N LEU B 102 8.90 -14.05 12.99
CA LEU B 102 10.20 -14.03 13.65
C LEU B 102 11.32 -14.43 12.70
N ARG B 103 11.02 -15.31 11.75
CA ARG B 103 11.95 -15.58 10.65
C ARG B 103 12.25 -14.30 9.84
N GLU B 104 11.22 -13.50 9.55
CA GLU B 104 11.45 -12.21 8.88
C GLU B 104 12.36 -11.29 9.68
N VAL B 105 12.21 -11.28 11.01
CA VAL B 105 13.10 -10.50 11.87
C VAL B 105 14.55 -10.93 11.70
N GLU B 106 14.81 -12.25 11.67
CA GLU B 106 16.18 -12.71 11.50
C GLU B 106 16.75 -12.30 10.14
N ILE B 107 15.93 -12.38 9.09
CA ILE B 107 16.39 -11.96 7.77
C ILE B 107 16.69 -10.47 7.77
N CYS B 108 15.83 -9.67 8.41
CA CYS B 108 16.10 -8.23 8.54
C CYS B 108 17.46 -7.98 9.18
N ARG B 109 17.82 -8.79 10.18
CA ARG B 109 19.07 -8.58 10.91
C ARG B 109 20.27 -8.94 10.06
N LYS B 110 20.20 -10.06 9.34
CA LYS B 110 21.34 -10.42 8.49
C LYS B 110 21.59 -9.39 7.39
N LEU B 111 20.52 -8.75 6.89
CA LEU B 111 20.62 -7.78 5.80
C LEU B 111 20.83 -6.36 6.30
N GLY B 112 20.79 -6.12 7.60
CA GLY B 112 20.95 -4.78 8.13
C GLY B 112 19.84 -3.80 7.78
N ILE B 113 18.60 -4.26 7.59
CA ILE B 113 17.50 -3.37 7.24
C ILE B 113 16.55 -3.20 8.41
N GLY B 114 15.69 -2.19 8.30
CA GLY B 114 14.69 -1.93 9.33
C GLY B 114 13.71 -3.08 9.47
N TYR B 115 12.93 -3.05 10.55
CA TYR B 115 12.01 -4.14 10.87
C TYR B 115 10.56 -3.86 10.45
N HIS B 116 10.35 -2.90 9.55
CA HIS B 116 9.00 -2.50 9.18
C HIS B 116 8.16 -3.67 8.67
N ILE B 117 8.76 -4.61 7.96
CA ILE B 117 7.94 -5.62 7.30
C ILE B 117 7.32 -6.58 8.33
N PRO B 118 8.08 -7.18 9.26
CA PRO B 118 7.41 -8.02 10.26
C PRO B 118 6.43 -7.25 11.13
N PHE B 119 6.71 -5.97 11.42
CA PHE B 119 5.79 -5.14 12.19
C PHE B 119 4.45 -4.96 11.47
N ALA B 120 4.48 -4.69 10.16
CA ALA B 120 3.25 -4.61 9.36
C ALA B 120 2.52 -5.95 9.30
N PHE B 121 3.27 -7.05 9.17
CA PHE B 121 2.63 -8.36 9.11
C PHE B 121 1.90 -8.70 10.41
N ALA B 122 2.40 -8.17 11.54
CA ALA B 122 1.76 -8.42 12.84
C ALA B 122 0.34 -7.90 12.89
N PHE B 123 0.03 -6.81 12.17
CA PHE B 123 -1.34 -6.31 12.12
C PHE B 123 -2.28 -7.35 11.50
N ALA B 124 -1.81 -8.07 10.48
CA ALA B 124 -2.69 -9.09 9.90
C ALA B 124 -2.92 -10.22 10.90
N ILE B 125 -1.87 -10.63 11.60
CA ILE B 125 -2.02 -11.67 12.62
C ILE B 125 -3.02 -11.24 13.69
N LEU B 126 -2.95 -9.97 14.11
CA LEU B 126 -3.88 -9.47 15.11
C LEU B 126 -5.33 -9.46 14.62
N ALA B 127 -5.56 -9.18 13.33
CA ALA B 127 -6.91 -9.29 12.79
C ALA B 127 -7.41 -10.73 12.82
N TYR B 128 -6.56 -11.66 12.39
CA TYR B 128 -6.92 -13.08 12.46
C TYR B 128 -7.25 -13.50 13.90
N LEU B 129 -6.40 -13.12 14.85
CA LEU B 129 -6.65 -13.51 16.22
C LEU B 129 -7.91 -12.84 16.78
N THR B 130 -8.24 -11.64 16.30
CA THR B 130 -9.46 -10.99 16.74
C THR B 130 -10.68 -11.86 16.42
N LEU B 131 -10.67 -12.53 15.27
CA LEU B 131 -11.83 -13.29 14.85
C LEU B 131 -11.89 -14.68 15.51
N VAL B 132 -10.74 -15.31 15.75
CA VAL B 132 -10.75 -16.68 16.27
C VAL B 132 -10.39 -16.78 17.75
N LEU B 133 -9.96 -15.69 18.38
CA LEU B 133 -9.52 -15.76 19.77
C LEU B 133 -10.17 -14.69 20.61
N PHE B 134 -9.85 -13.42 20.34
CA PHE B 134 -10.28 -12.34 21.22
C PHE B 134 -11.81 -12.25 21.27
N ARG B 135 -12.45 -12.20 20.09
CA ARG B 135 -13.90 -12.10 20.07
C ARG B 135 -14.58 -13.34 20.66
N PRO B 136 -14.26 -14.57 20.23
CA PRO B 136 -14.94 -15.74 20.82
C PRO B 136 -14.79 -15.82 22.34
N VAL B 137 -13.59 -15.59 22.85
CA VAL B 137 -13.37 -15.61 24.29
C VAL B 137 -14.24 -14.56 24.98
N MET B 138 -14.32 -13.36 24.42
CA MET B 138 -15.15 -12.31 25.02
C MET B 138 -16.62 -12.67 25.02
N MET B 139 -17.08 -13.39 23.99
CA MET B 139 -18.48 -13.78 23.92
C MET B 139 -18.75 -15.12 24.61
N GLY B 140 -17.71 -15.86 24.95
CA GLY B 140 -17.85 -17.06 25.76
C GLY B 140 -17.95 -18.38 25.01
N ALA B 141 -17.61 -18.43 23.73
CA ALA B 141 -17.74 -19.69 23.02
C ALA B 141 -16.83 -19.73 21.82
N TRP B 142 -16.17 -20.87 21.60
CA TRP B 142 -15.38 -21.05 20.39
C TRP B 142 -16.24 -21.02 19.14
N GLY B 143 -17.51 -21.38 19.25
CA GLY B 143 -18.35 -21.43 18.06
C GLY B 143 -18.74 -20.09 17.46
N TYR B 144 -18.35 -18.97 18.05
CA TYR B 144 -18.51 -17.68 17.39
C TYR B 144 -17.42 -17.41 16.36
N ALA B 145 -16.38 -18.25 16.33
CA ALA B 145 -15.28 -18.15 15.38
C ALA B 145 -15.75 -18.66 14.02
N PHE B 146 -14.86 -18.39 12.91
CA PHE B 146 -15.33 -18.82 11.60
C PHE B 146 -14.81 -20.22 11.25
N PRO B 147 -15.53 -20.95 10.41
CA PRO B 147 -15.07 -22.28 9.99
C PRO B 147 -13.98 -22.17 8.94
N TYR B 148 -13.15 -23.22 8.86
CA TYR B 148 -12.05 -23.27 7.90
C TYR B 148 -12.55 -24.04 6.69
N GLY B 149 -13.25 -23.32 5.83
CA GLY B 149 -13.63 -23.86 4.53
C GLY B 149 -13.80 -22.73 3.54
N ILE B 150 -13.53 -23.04 2.28
CA ILE B 150 -13.51 -22.00 1.23
C ILE B 150 -14.83 -21.24 1.18
N TRP B 151 -15.95 -21.97 1.12
CA TRP B 151 -17.27 -21.34 1.01
C TRP B 151 -17.97 -21.19 2.35
N THR B 152 -17.75 -22.12 3.27
CA THR B 152 -18.37 -22.00 4.58
C THR B 152 -17.94 -20.73 5.31
N HIS B 153 -16.69 -20.29 5.12
CA HIS B 153 -16.29 -19.09 5.83
C HIS B 153 -16.92 -17.83 5.23
N LEU B 154 -17.36 -17.88 3.97
CA LEU B 154 -18.14 -16.78 3.41
C LEU B 154 -19.54 -16.76 4.02
N ASP B 155 -20.16 -17.94 4.09
CA ASP B 155 -21.46 -18.05 4.76
C ASP B 155 -21.39 -17.52 6.19
N TRP B 156 -20.27 -17.76 6.88
CA TRP B 156 -20.12 -17.24 8.24
C TRP B 156 -20.13 -15.72 8.29
N VAL B 157 -19.44 -15.07 7.33
CA VAL B 157 -19.46 -13.60 7.27
C VAL B 157 -20.89 -13.11 7.11
N SER B 158 -21.65 -13.78 6.26
CA SER B 158 -23.02 -13.34 5.98
C SER B 158 -23.94 -13.60 7.17
N ASN B 159 -23.85 -14.81 7.74
CA ASN B 159 -24.60 -15.11 8.96
C ASN B 159 -24.33 -14.07 10.05
N THR B 160 -23.05 -13.85 10.36
CA THR B 160 -22.68 -12.90 11.41
C THR B 160 -23.18 -11.51 11.11
N GLY B 161 -22.95 -11.03 9.88
CA GLY B 161 -23.31 -9.67 9.55
C GLY B 161 -24.80 -9.42 9.65
N TYR B 162 -25.60 -10.30 9.04
CA TYR B 162 -27.04 -10.08 9.03
C TYR B 162 -27.66 -10.28 10.41
N THR B 163 -26.97 -10.99 11.31
CA THR B 163 -27.39 -11.01 12.71
C THR B 163 -27.57 -9.60 13.26
N TYR B 164 -26.82 -8.61 12.77
CA TYR B 164 -26.89 -7.27 13.30
C TYR B 164 -27.53 -6.27 12.33
N GLY B 165 -28.41 -6.76 11.45
CA GLY B 165 -29.05 -5.92 10.45
C GLY B 165 -28.24 -5.81 9.18
N ASN B 166 -28.15 -4.61 8.63
CA ASN B 166 -27.17 -4.31 7.58
C ASN B 166 -25.87 -3.89 8.27
N PHE B 167 -24.86 -4.77 8.20
CA PHE B 167 -23.57 -4.47 8.84
C PHE B 167 -22.94 -3.18 8.32
N HIS B 168 -23.32 -2.72 7.12
CA HIS B 168 -22.89 -1.42 6.61
C HIS B 168 -22.98 -0.31 7.65
N TYR B 169 -23.96 -0.39 8.56
CA TYR B 169 -24.21 0.72 9.48
C TYR B 169 -23.27 0.74 10.67
N ASN B 170 -22.53 -0.34 10.92
CA ASN B 170 -21.41 -0.37 11.88
C ASN B 170 -20.43 0.74 11.54
N PRO B 171 -20.28 1.75 12.40
CA PRO B 171 -19.49 2.93 12.01
C PRO B 171 -18.00 2.68 11.91
N ALA B 172 -17.47 1.69 12.65
CA ALA B 172 -16.06 1.37 12.48
C ALA B 172 -15.83 0.58 11.20
N HIS B 173 -16.86 -0.13 10.72
CA HIS B 173 -16.83 -0.80 9.42
C HIS B 173 -16.73 0.23 8.30
N MET B 174 -17.51 1.31 8.41
CA MET B 174 -17.42 2.42 7.46
C MET B 174 -16.01 2.97 7.36
N ILE B 175 -15.36 3.19 8.50
CA ILE B 175 -14.01 3.76 8.47
C ILE B 175 -13.03 2.76 7.85
N ALA B 176 -13.15 1.49 8.20
CA ALA B 176 -12.30 0.46 7.61
C ALA B 176 -12.43 0.44 6.09
N ILE B 177 -13.67 0.41 5.60
CA ILE B 177 -13.90 0.35 4.16
C ILE B 177 -13.27 1.56 3.50
N THR B 178 -13.45 2.74 4.09
CA THR B 178 -12.86 3.94 3.54
C THR B 178 -11.36 3.80 3.38
N PHE B 179 -10.68 3.18 4.37
CA PHE B 179 -9.23 3.00 4.26
C PHE B 179 -8.89 1.96 3.18
N PHE B 180 -9.66 0.87 3.10
CA PHE B 180 -9.42 -0.12 2.04
C PHE B 180 -9.56 0.49 0.65
N PHE B 181 -10.64 1.25 0.40
CA PHE B 181 -10.82 1.89 -0.90
C PHE B 181 -9.71 2.91 -1.16
N THR B 182 -9.40 3.76 -0.18
CA THR B 182 -8.37 4.77 -0.37
C THR B 182 -7.02 4.12 -0.60
N ASN B 183 -6.78 2.95 0.00
CA ASN B 183 -5.51 2.27 -0.20
C ASN B 183 -5.35 1.83 -1.64
N ALA B 184 -6.37 1.18 -2.20
CA ALA B 184 -6.26 0.70 -3.58
C ALA B 184 -6.18 1.85 -4.56
N LEU B 185 -6.84 2.98 -4.26
CA LEU B 185 -6.68 4.19 -5.04
C LEU B 185 -5.22 4.68 -5.02
N ALA B 186 -4.63 4.77 -3.82
CA ALA B 186 -3.25 5.24 -3.70
C ALA B 186 -2.26 4.29 -4.34
N LEU B 187 -2.50 2.98 -4.23
CA LEU B 187 -1.62 1.99 -4.84
C LEU B 187 -1.64 2.11 -6.37
N ALA B 188 -2.84 2.24 -6.96
CA ALA B 188 -2.96 2.42 -8.39
C ALA B 188 -2.20 3.67 -8.84
N LEU B 189 -2.38 4.78 -8.10
CA LEU B 189 -1.72 6.02 -8.47
C LEU B 189 -0.20 5.90 -8.34
N HIS B 190 0.30 5.23 -7.29
CA HIS B 190 1.75 5.16 -7.08
C HIS B 190 2.42 4.28 -8.13
N GLY B 191 1.88 3.09 -8.38
CA GLY B 191 2.43 2.25 -9.44
C GLY B 191 2.44 2.97 -10.78
N ALA B 192 1.32 3.62 -11.12
CA ALA B 192 1.21 4.38 -12.35
C ALA B 192 2.22 5.51 -12.41
N LEU B 193 2.40 6.24 -11.31
CA LEU B 193 3.27 7.41 -11.36
C LEU B 193 4.70 7.00 -11.66
N VAL B 194 5.18 5.96 -10.99
CA VAL B 194 6.57 5.56 -11.18
C VAL B 194 6.78 4.98 -12.58
N LEU B 195 5.84 4.13 -13.05
CA LEU B 195 5.99 3.57 -14.39
C LEU B 195 5.93 4.66 -15.46
N SER B 196 5.12 5.69 -15.24
CA SER B 196 4.99 6.77 -16.23
C SER B 196 6.24 7.64 -16.29
N ALA B 197 7.07 7.62 -15.26
CA ALA B 197 8.33 8.35 -15.30
C ALA B 197 9.46 7.51 -15.88
N ALA B 198 9.54 6.23 -15.49
CA ALA B 198 10.57 5.34 -16.02
C ALA B 198 10.30 4.95 -17.47
N ASN B 199 9.06 4.98 -17.93
CA ASN B 199 8.68 4.59 -19.29
C ASN B 199 7.89 5.74 -19.88
N PRO B 200 8.57 6.84 -20.25
CA PRO B 200 7.85 8.04 -20.69
C PRO B 200 7.41 7.91 -22.13
N GLU B 201 6.94 9.00 -22.73
CA GLU B 201 6.54 8.95 -24.13
C GLU B 201 7.69 8.44 -24.98
N LYS B 202 7.35 7.77 -26.08
CA LYS B 202 8.32 7.44 -27.13
C LYS B 202 9.07 8.69 -27.54
N GLY B 203 10.38 8.53 -27.77
CA GLY B 203 11.20 9.66 -28.15
C GLY B 203 11.69 10.54 -27.01
N LYS B 204 11.59 10.09 -25.77
CA LYS B 204 11.92 10.91 -24.60
C LYS B 204 12.92 10.18 -23.70
N GLU B 205 13.73 10.98 -23.00
CA GLU B 205 14.53 10.49 -21.88
C GLU B 205 13.65 10.15 -20.69
N MET B 206 14.10 9.17 -19.94
CA MET B 206 13.56 8.90 -18.59
C MET B 206 13.26 10.20 -17.86
N ARG B 207 12.09 10.26 -17.21
CA ARG B 207 11.76 11.42 -16.40
C ARG B 207 12.48 11.33 -15.05
N THR B 208 12.38 12.40 -14.27
CA THR B 208 12.99 12.48 -12.94
C THR B 208 11.92 12.48 -11.87
N PRO B 209 12.31 12.33 -10.60
CA PRO B 209 11.31 12.54 -9.53
C PRO B 209 10.68 13.91 -9.57
N ASP B 210 11.36 14.94 -10.06
CA ASP B 210 10.73 16.25 -10.12
C ASP B 210 9.54 16.25 -11.09
N HIS B 211 9.58 15.42 -12.14
CA HIS B 211 8.42 15.31 -13.02
C HIS B 211 7.25 14.66 -12.31
N GLU B 212 7.53 13.70 -11.43
CA GLU B 212 6.45 13.06 -10.67
C GLU B 212 5.77 14.07 -9.73
N ASP B 213 6.57 14.86 -9.01
CA ASP B 213 6.01 15.90 -8.15
C ASP B 213 5.23 16.92 -8.98
N THR B 214 5.80 17.35 -10.11
CA THR B 214 5.14 18.32 -10.97
C THR B 214 3.83 17.76 -11.53
N PHE B 215 3.81 16.49 -11.91
CA PHE B 215 2.56 15.93 -12.40
C PHE B 215 1.46 16.02 -11.34
N PHE B 216 1.78 15.70 -10.08
CA PHE B 216 0.70 15.67 -9.08
C PHE B 216 0.31 17.05 -8.60
N ARG B 217 1.24 18.00 -8.56
CA ARG B 217 0.84 19.38 -8.28
C ARG B 217 -0.06 19.92 -9.39
N ASP B 218 0.34 19.72 -10.65
CA ASP B 218 -0.52 20.13 -11.78
C ASP B 218 -1.90 19.50 -11.67
N LEU B 219 -1.96 18.24 -11.27
CA LEU B 219 -3.22 17.51 -11.22
C LEU B 219 -4.11 17.90 -10.05
N VAL B 220 -3.59 17.91 -8.83
CA VAL B 220 -4.42 18.13 -7.64
C VAL B 220 -3.86 19.19 -6.70
N GLY B 221 -2.76 19.83 -7.04
CA GLY B 221 -2.23 20.92 -6.24
C GLY B 221 -1.33 20.53 -5.10
N TYR B 222 -1.03 19.24 -4.93
CA TYR B 222 -0.18 18.79 -3.84
C TYR B 222 0.53 17.51 -4.26
N SER B 223 1.82 17.42 -3.93
CA SER B 223 2.53 16.16 -4.07
C SER B 223 3.03 15.73 -2.70
N ILE B 224 2.71 14.50 -2.31
CA ILE B 224 3.15 14.03 -1.00
C ILE B 224 4.65 13.70 -1.01
N GLY B 225 5.21 13.36 -2.16
CA GLY B 225 6.63 13.10 -2.21
C GLY B 225 6.95 11.61 -2.20
N THR B 226 8.21 11.28 -2.55
CA THR B 226 8.56 9.88 -2.77
C THR B 226 8.65 9.11 -1.46
N LEU B 227 9.14 9.77 -0.39
CA LEU B 227 9.10 9.10 0.91
C LEU B 227 7.69 9.05 1.48
N GLY B 228 6.98 10.18 1.45
CA GLY B 228 5.63 10.24 2.00
C GLY B 228 4.67 9.23 1.41
N ILE B 229 4.80 8.93 0.11
CA ILE B 229 3.83 7.99 -0.46
C ILE B 229 4.04 6.61 0.09
N HIS B 230 5.28 6.22 0.42
CA HIS B 230 5.45 4.87 0.96
C HIS B 230 5.06 4.84 2.44
N ARG B 231 5.32 5.93 3.18
CA ARG B 231 4.70 6.09 4.50
C ARG B 231 3.19 6.01 4.40
N LEU B 232 2.60 6.65 3.39
CA LEU B 232 1.14 6.69 3.28
C LEU B 232 0.57 5.31 2.98
N GLY B 233 1.17 4.58 2.02
CA GLY B 233 0.70 3.25 1.73
C GLY B 233 0.73 2.34 2.96
N LEU B 234 1.79 2.46 3.77
CA LEU B 234 1.85 1.67 4.99
C LEU B 234 0.74 2.06 5.94
N LEU B 235 0.56 3.37 6.16
N LEU B 235 0.54 3.37 6.13
CA LEU B 235 -0.45 3.88 7.07
CA LEU B 235 -0.45 3.85 7.09
C LEU B 235 -1.85 3.45 6.66
C LEU B 235 -1.87 3.49 6.67
N LEU B 236 -2.19 3.64 5.38
CA LEU B 236 -3.54 3.33 4.92
C LEU B 236 -3.87 1.85 5.08
N SER B 237 -2.94 0.96 4.72
CA SER B 237 -3.27 -0.46 4.75
C SER B 237 -3.37 -0.98 6.18
N LEU B 238 -2.48 -0.51 7.08
CA LEU B 238 -2.56 -0.95 8.47
C LEU B 238 -3.81 -0.39 9.16
N SER B 239 -4.13 0.89 8.91
CA SER B 239 -5.32 1.48 9.48
C SER B 239 -6.57 0.75 9.02
N ALA B 240 -6.58 0.30 7.77
CA ALA B 240 -7.72 -0.47 7.29
C ALA B 240 -7.91 -1.73 8.12
N VAL B 241 -6.81 -2.39 8.48
CA VAL B 241 -6.94 -3.67 9.19
C VAL B 241 -7.18 -3.42 10.69
N PHE B 242 -6.61 -2.35 11.24
CA PHE B 242 -6.86 -1.98 12.62
C PHE B 242 -8.36 -1.71 12.84
N PHE B 243 -8.96 -0.86 12.01
CA PHE B 243 -10.38 -0.57 12.18
C PHE B 243 -11.27 -1.76 11.81
N SER B 244 -10.76 -2.70 11.00
CA SER B 244 -11.49 -3.92 10.76
C SER B 244 -11.62 -4.73 12.04
N ALA B 245 -10.50 -4.92 12.73
CA ALA B 245 -10.52 -5.67 13.98
C ALA B 245 -11.35 -4.95 15.02
N LEU B 246 -11.22 -3.63 15.10
CA LEU B 246 -12.05 -2.83 16.01
C LEU B 246 -13.54 -3.01 15.72
N CYS B 247 -13.95 -3.00 14.44
CA CYS B 247 -15.37 -3.06 14.12
C CYS B 247 -15.96 -4.42 14.47
N MET B 248 -15.12 -5.46 14.59
CA MET B 248 -15.53 -6.80 14.96
C MET B 248 -15.43 -7.06 16.45
N ILE B 249 -14.42 -6.49 17.12
CA ILE B 249 -14.27 -6.77 18.55
C ILE B 249 -15.42 -6.17 19.34
N ILE B 250 -16.08 -5.14 18.80
CA ILE B 250 -17.18 -4.47 19.50
C ILE B 250 -18.53 -5.04 19.14
N THR B 251 -18.61 -5.97 18.19
CA THR B 251 -19.88 -6.51 17.73
C THR B 251 -20.15 -7.80 18.47
N GLY B 252 -21.23 -7.81 19.27
CA GLY B 252 -21.57 -8.93 20.13
C GLY B 252 -20.95 -8.89 21.51
N THR B 253 -20.30 -7.79 21.87
CA THR B 253 -19.56 -7.70 23.13
C THR B 253 -20.02 -6.46 23.87
N ILE B 254 -19.99 -5.31 23.18
CA ILE B 254 -20.60 -4.10 23.69
C ILE B 254 -21.77 -3.62 22.82
N TRP B 255 -22.04 -4.26 21.69
CA TRP B 255 -23.18 -3.92 20.86
C TRP B 255 -23.89 -5.20 20.45
N PHE B 256 -25.22 -5.20 20.57
CA PHE B 256 -26.04 -6.37 20.33
C PHE B 256 -27.22 -6.11 19.40
N ASP B 257 -27.49 -4.86 19.07
CA ASP B 257 -28.67 -4.48 18.31
C ASP B 257 -28.35 -4.40 16.82
N GLN B 258 -29.37 -4.06 16.03
CA GLN B 258 -29.15 -3.70 14.64
C GLN B 258 -28.31 -2.44 14.57
N TRP B 259 -27.24 -2.49 13.77
CA TRP B 259 -26.28 -1.40 13.75
C TRP B 259 -26.91 -0.08 13.33
N VAL B 260 -28.00 -0.10 12.55
CA VAL B 260 -28.64 1.15 12.15
C VAL B 260 -29.16 1.91 13.37
N ASP B 261 -29.43 1.19 14.48
N ASP B 261 -29.64 1.19 14.39
CA ASP B 261 -29.81 1.86 15.73
CA ASP B 261 -30.21 1.85 15.56
C ASP B 261 -28.78 2.88 16.19
C ASP B 261 -29.14 2.53 16.39
N TRP B 262 -27.48 2.59 15.98
N TRP B 262 -27.88 2.15 16.21
CA TRP B 262 -26.42 3.43 16.53
CA TRP B 262 -26.77 2.94 16.73
C TRP B 262 -26.57 4.89 16.09
C TRP B 262 -26.84 4.37 16.23
N TRP B 263 -27.00 5.10 14.85
N TRP B 263 -27.38 4.57 15.02
CA TRP B 263 -27.18 6.45 14.33
CA TRP B 263 -27.41 5.88 14.39
C TRP B 263 -28.48 7.08 14.81
C TRP B 263 -28.56 6.73 14.92
N GLN B 264 -29.48 6.27 15.16
N GLN B 264 -28.66 6.86 16.25
CA GLN B 264 -30.75 6.78 15.67
CA GLN B 264 -29.65 7.70 16.87
C GLN B 264 -30.58 7.60 16.95
C GLN B 264 -29.05 8.77 17.79
N TRP B 265 -29.41 7.54 17.58
N TRP B 265 -27.75 8.70 18.08
CA TRP B 265 -29.07 8.53 18.60
CA TRP B 265 -27.11 9.75 18.85
C TRP B 265 -29.06 9.93 17.99
C TRP B 265 -27.20 11.10 18.15
N TRP B 266 -28.37 10.09 16.86
N TRP B 266 -26.97 11.11 16.83
CA TRP B 266 -28.34 11.39 16.18
CA TRP B 266 -26.94 12.36 16.08
C TRP B 266 -29.73 11.83 15.76
C TRP B 266 -28.36 12.90 15.89
N VAL B 267 -30.64 10.88 15.56
N VAL B 267 -29.32 12.03 15.64
CA VAL B 267 -31.95 11.22 15.03
CA VAL B 267 -30.66 12.47 15.25
C VAL B 267 -32.90 11.65 16.13
C VAL B 267 -31.36 13.14 16.42
N LYS B 268 -32.82 11.00 17.30
N LYS B 268 -31.21 12.59 17.63
CA LYS B 268 -33.80 11.21 18.37
CA LYS B 268 -31.94 13.05 18.80
C LYS B 268 -33.28 12.14 19.47
C LYS B 268 -31.15 14.01 19.66
N LEU B 269 -32.34 13.03 19.15
N LEU B 269 -30.22 14.78 19.06
CA LEU B 269 -31.97 14.06 20.10
CA LEU B 269 -29.64 15.90 19.77
C LEU B 269 -33.22 14.89 20.44
C LEU B 269 -30.76 16.84 20.21
N PRO B 270 -33.42 15.24 21.73
N PRO B 270 -30.69 17.39 21.44
CA PRO B 270 -34.70 15.84 22.13
CA PRO B 270 -31.86 18.10 21.98
C PRO B 270 -34.95 17.20 21.51
C PRO B 270 -32.33 19.29 21.16
N TRP B 271 -33.93 17.87 20.98
N TRP B 271 -31.41 20.04 20.55
CA TRP B 271 -34.12 19.20 20.44
CA TRP B 271 -31.79 21.29 19.89
C TRP B 271 -34.49 19.20 18.96
C TRP B 271 -32.63 21.08 18.65
N TRP B 272 -34.58 18.04 18.31
N TRP B 272 -32.58 19.90 18.01
CA TRP B 272 -35.15 18.00 16.97
CA TRP B 272 -33.36 19.64 16.81
C TRP B 272 -35.87 16.69 16.62
C TRP B 272 -34.10 18.31 16.85
N ALA B 273 -35.95 15.71 17.54
N ALA B 273 -34.10 17.60 17.99
CA ALA B 273 -36.58 14.43 17.23
CA ALA B 273 -34.78 16.32 18.06
C ALA B 273 -38.06 14.57 16.88
C ALA B 273 -36.30 16.45 17.97
N ASN B 274 -38.69 15.70 17.19
N ASN B 274 -36.85 17.63 18.30
CA ASN B 274 -40.13 15.86 17.07
CA ASN B 274 -38.29 17.83 18.27
C ASN B 274 -40.55 16.78 15.94
C ASN B 274 -38.67 18.90 17.25
N ILE B 275 -39.63 17.35 15.19
N ILE B 275 -38.37 18.66 15.98
CA ILE B 275 -39.99 18.30 14.13
CA ILE B 275 -38.72 19.57 14.89
C ILE B 275 -40.63 17.52 12.98
C ILE B 275 -39.41 18.75 13.80
N PRO B 276 -41.83 17.87 12.54
N PRO B 276 -40.56 19.21 13.28
CA PRO B 276 -42.53 17.06 11.54
CA PRO B 276 -41.27 18.41 12.28
C PRO B 276 -41.85 17.11 10.18
C PRO B 276 -40.71 18.59 10.87
N GLY B 277 -42.35 16.27 9.27
N GLY B 277 -40.61 17.48 10.15
CA GLY B 277 -41.80 16.20 7.94
CA GLY B 277 -40.17 17.52 8.77
C GLY B 277 -40.44 15.51 7.90
C GLY B 277 -39.01 16.58 8.44
N GLY B 278 -39.60 15.96 6.97
N GLY B 278 -38.84 16.31 7.14
CA GLY B 278 -38.26 15.41 6.83
CA GLY B 278 -37.74 15.48 6.68
C GLY B 278 -38.27 13.91 6.72
C GLY B 278 -38.13 14.02 6.51
N ILE B 279 -37.26 13.27 7.32
N ILE B 279 -37.12 13.17 6.55
CA ILE B 279 -37.18 11.82 7.38
CA ILE B 279 -37.32 11.73 6.34
C ILE B 279 -37.53 11.30 8.76
C ILE B 279 -37.86 11.08 7.60
N ASN B 280 -37.09 11.97 9.82
N ASN B 280 -37.24 11.35 8.74
CA ASN B 280 -37.22 11.42 11.16
CA ASN B 280 -37.57 10.67 9.99
C ASN B 280 -38.07 12.28 12.09
C ASN B 280 -38.76 11.32 10.68
N GLY B 281 -39.23 12.71 11.60
N GLY B 281 -39.62 11.93 9.90
CA GLY B 281 -40.14 13.50 12.40
CA GLY B 281 -40.85 12.52 10.40
C GLY B 281 -41.58 13.53 11.90
C GLY B 281 -41.99 12.32 9.42
N ALA C 1 14.85 3.52 21.50
CA ALA C 1 14.10 3.54 20.26
C ALA C 1 14.97 4.03 19.09
N GLU C 2 15.14 3.19 18.07
CA GLU C 2 15.81 3.61 16.85
C GLU C 2 14.83 4.35 15.94
N TYR C 3 15.34 5.33 15.21
CA TYR C 3 14.51 6.10 14.29
C TYR C 3 13.84 5.19 13.25
N GLN C 4 12.52 5.32 13.11
CA GLN C 4 11.73 4.46 12.24
C GLN C 4 11.41 5.07 10.87
N ASN C 5 11.67 6.36 10.69
CA ASN C 5 11.37 7.07 9.44
C ASN C 5 9.87 7.11 9.12
N ILE C 6 9.02 7.10 10.15
CA ILE C 6 7.59 7.31 9.95
C ILE C 6 7.25 8.79 9.92
N PHE C 7 7.92 9.59 10.76
CA PHE C 7 7.76 11.03 10.70
C PHE C 7 9.12 11.67 10.57
N THR C 8 9.18 12.77 9.84
CA THR C 8 10.40 13.54 9.70
C THR C 8 10.84 14.12 11.03
N GLN C 9 12.16 14.21 11.24
CA GLN C 9 12.71 14.73 12.48
C GLN C 9 12.96 16.23 12.39
N VAL C 10 13.57 16.66 11.29
CA VAL C 10 14.01 18.03 11.09
C VAL C 10 13.51 18.45 9.72
N GLN C 11 12.66 19.47 9.67
CA GLN C 11 12.17 20.00 8.40
C GLN C 11 13.10 21.08 7.90
N VAL C 12 13.36 21.05 6.59
CA VAL C 12 14.09 22.11 5.90
C VAL C 12 13.16 22.74 4.88
N ARG C 13 13.42 23.99 4.54
CA ARG C 13 12.63 24.70 3.54
C ARG C 13 13.54 25.60 2.72
N GLY C 14 13.25 25.67 1.42
CA GLY C 14 13.94 26.57 0.53
C GLY C 14 12.93 27.35 -0.26
N PRO C 15 13.39 28.13 -1.24
CA PRO C 15 12.47 28.76 -2.20
C PRO C 15 11.47 27.77 -2.76
N ALA C 16 10.28 28.27 -3.09
CA ALA C 16 9.20 27.39 -3.51
C ALA C 16 9.54 26.74 -4.85
N ASP C 17 9.24 25.46 -4.96
CA ASP C 17 9.55 24.72 -6.18
C ASP C 17 8.45 24.95 -7.20
N LEU C 18 8.77 25.64 -8.29
CA LEU C 18 7.75 25.90 -9.29
C LEU C 18 7.55 24.76 -10.28
N GLY C 19 8.43 23.76 -10.28
CA GLY C 19 8.22 22.52 -11.02
C GLY C 19 8.89 22.51 -12.38
N MET C 20 8.85 21.35 -13.02
CA MET C 20 9.31 21.22 -14.40
C MET C 20 8.37 21.99 -15.33
N THR C 21 8.92 22.49 -16.43
CA THR C 21 8.14 23.24 -17.42
C THR C 21 7.72 22.36 -18.59
N GLU C 22 8.68 21.72 -19.26
CA GLU C 22 8.42 20.83 -20.41
C GLU C 22 7.49 21.60 -21.36
N ASP C 23 6.37 21.00 -21.79
CA ASP C 23 5.43 21.62 -22.70
C ASP C 23 4.18 22.11 -21.99
N VAL C 24 4.27 22.36 -20.68
CA VAL C 24 3.14 22.87 -19.92
C VAL C 24 2.91 24.33 -20.29
N ASN C 25 1.64 24.68 -20.49
CA ASN C 25 1.22 26.06 -20.67
C ASN C 25 1.27 26.76 -19.32
N LEU C 26 2.32 27.56 -19.09
CA LEU C 26 2.50 28.19 -17.79
C LEU C 26 1.43 29.25 -17.50
N ALA C 27 0.71 29.72 -18.51
CA ALA C 27 -0.39 30.64 -18.24
C ALA C 27 -1.41 30.03 -17.29
N ASN C 28 -1.61 28.72 -17.36
CA ASN C 28 -2.69 28.09 -16.62
C ASN C 28 -2.26 27.56 -15.25
N ARG C 29 -1.02 27.82 -14.81
CA ARG C 29 -0.61 27.43 -13.46
C ARG C 29 -0.94 28.56 -12.49
N SER C 30 -1.35 28.15 -11.29
CA SER C 30 -1.62 29.11 -10.22
C SER C 30 -0.31 29.62 -9.65
N GLY C 31 -0.41 30.49 -8.65
CA GLY C 31 0.72 30.78 -7.79
C GLY C 31 0.90 29.69 -6.76
N VAL C 32 1.92 29.85 -5.93
CA VAL C 32 2.19 28.89 -4.87
C VAL C 32 1.36 29.23 -3.64
N GLY C 33 0.81 28.19 -2.99
CA GLY C 33 0.05 28.34 -1.77
C GLY C 33 0.96 28.41 -0.56
N PRO C 34 0.40 28.29 0.64
CA PRO C 34 1.22 28.32 1.85
C PRO C 34 1.90 26.98 2.11
N PHE C 35 3.06 27.05 2.75
CA PHE C 35 3.73 25.85 3.25
C PHE C 35 3.02 25.38 4.51
N SER C 36 2.85 24.08 4.65
CA SER C 36 2.18 23.51 5.81
C SER C 36 3.19 22.71 6.62
N THR C 37 3.58 23.27 7.76
CA THR C 37 4.43 22.55 8.71
C THR C 37 3.80 21.23 9.13
N LEU C 38 2.48 21.21 9.29
CA LEU C 38 1.81 19.98 9.72
C LEU C 38 2.05 18.86 8.72
N LEU C 39 1.74 19.10 7.45
CA LEU C 39 1.95 18.10 6.42
C LEU C 39 3.42 17.72 6.32
N GLY C 40 4.32 18.68 6.53
CA GLY C 40 5.75 18.47 6.43
C GLY C 40 6.31 17.43 7.41
N TRP C 41 5.54 17.02 8.42
CA TRP C 41 6.01 15.95 9.30
C TRP C 41 5.86 14.58 8.67
N PHE C 42 5.03 14.47 7.65
CA PHE C 42 4.72 13.20 7.02
C PHE C 42 5.14 13.14 5.55
N GLY C 43 5.10 14.26 4.85
CA GLY C 43 5.46 14.34 3.45
C GLY C 43 5.93 15.73 3.17
N ASN C 44 5.70 16.19 1.95
CA ASN C 44 6.12 17.51 1.53
C ASN C 44 5.24 18.58 2.18
N ALA C 45 5.85 19.73 2.46
CA ALA C 45 5.10 20.82 3.07
C ALA C 45 4.49 21.77 2.04
N GLN C 46 4.94 21.74 0.79
CA GLN C 46 4.52 22.74 -0.19
C GLN C 46 3.09 22.48 -0.64
N LEU C 47 2.30 23.55 -0.76
CA LEU C 47 0.97 23.48 -1.35
C LEU C 47 0.97 24.28 -2.65
N GLY C 48 0.50 23.67 -3.72
CA GLY C 48 0.49 24.31 -5.01
C GLY C 48 1.87 24.31 -5.66
N PRO C 49 1.98 24.85 -6.88
CA PRO C 49 0.86 25.39 -7.68
C PRO C 49 -0.03 24.30 -8.23
N ILE C 50 -1.22 24.69 -8.68
CA ILE C 50 -2.10 23.78 -9.39
C ILE C 50 -2.24 24.27 -10.81
N TYR C 51 -2.59 23.35 -11.71
CA TYR C 51 -2.85 23.66 -13.12
C TYR C 51 -4.35 23.69 -13.36
N LEU C 52 -4.84 24.79 -13.92
N LEU C 52 -4.85 24.79 -13.93
CA LEU C 52 -6.28 24.99 -14.15
CA LEU C 52 -6.28 24.89 -14.18
C LEU C 52 -6.48 25.49 -15.58
C LEU C 52 -6.65 24.38 -15.58
N GLY C 53 -6.63 24.55 -16.52
N GLY C 53 -6.63 25.27 -16.56
CA GLY C 53 -6.99 24.85 -17.87
CA GLY C 53 -6.97 24.90 -17.92
C GLY C 53 -8.47 24.63 -18.13
C GLY C 53 -8.46 24.75 -18.14
N SER C 54 -8.81 24.59 -19.43
CA SER C 54 -10.21 24.51 -19.82
C SER C 54 -10.89 23.27 -19.26
N LEU C 55 -10.26 22.10 -19.42
CA LEU C 55 -10.90 20.86 -18.97
C LEU C 55 -11.03 20.85 -17.45
N GLY C 56 -10.05 21.40 -16.74
CA GLY C 56 -10.16 21.52 -15.31
C GLY C 56 -11.31 22.43 -14.89
N VAL C 57 -11.47 23.56 -15.56
CA VAL C 57 -12.57 24.46 -15.20
C VAL C 57 -13.91 23.81 -15.53
N LEU C 58 -14.00 23.16 -16.69
CA LEU C 58 -15.21 22.43 -17.05
C LEU C 58 -15.53 21.38 -16.01
N SER C 59 -14.51 20.71 -15.47
CA SER C 59 -14.74 19.61 -14.52
C SER C 59 -15.19 20.14 -13.18
N LEU C 60 -14.54 21.19 -12.67
CA LEU C 60 -14.91 21.77 -11.38
C LEU C 60 -16.33 22.33 -11.43
N PHE C 61 -16.67 23.04 -12.52
CA PHE C 61 -18.00 23.62 -12.65
C PHE C 61 -19.05 22.51 -12.69
N SER C 62 -18.84 21.51 -13.55
CA SER C 62 -19.79 20.42 -13.66
C SER C 62 -19.93 19.71 -12.32
N GLY C 63 -18.81 19.46 -11.65
CA GLY C 63 -18.84 18.70 -10.42
C GLY C 63 -19.57 19.44 -9.32
N LEU C 64 -19.40 20.76 -9.27
CA LEU C 64 -20.14 21.56 -8.29
C LEU C 64 -21.63 21.59 -8.61
N MET C 65 -21.98 21.68 -9.90
CA MET C 65 -23.38 21.60 -10.31
C MET C 65 -24.00 20.29 -9.84
N TRP C 66 -23.29 19.18 -10.04
CA TRP C 66 -23.75 17.89 -9.52
C TRP C 66 -23.98 17.99 -8.01
N PHE C 67 -23.00 18.53 -7.30
CA PHE C 67 -23.11 18.69 -5.84
C PHE C 67 -24.31 19.57 -5.49
N PHE C 68 -24.43 20.73 -6.15
CA PHE C 68 -25.50 21.66 -5.81
C PHE C 68 -26.87 21.07 -6.12
N THR C 69 -26.99 20.30 -7.21
CA THR C 69 -28.26 19.70 -7.57
C THR C 69 -28.74 18.74 -6.47
N ILE C 70 -27.83 17.95 -5.90
CA ILE C 70 -28.21 17.04 -4.83
C ILE C 70 -28.56 17.82 -3.57
N GLY C 71 -27.78 18.86 -3.27
CA GLY C 71 -28.01 19.64 -2.05
C GLY C 71 -29.34 20.37 -2.07
N ILE C 72 -29.69 20.97 -3.21
CA ILE C 72 -30.99 21.62 -3.33
C ILE C 72 -32.12 20.62 -3.09
N TRP C 73 -31.99 19.42 -3.65
CA TRP C 73 -32.95 18.37 -3.34
C TRP C 73 -33.01 18.09 -1.86
N PHE C 74 -31.85 18.00 -1.20
CA PHE C 74 -31.83 17.68 0.23
C PHE C 74 -32.51 18.77 1.04
N TRP C 75 -32.32 20.04 0.65
CA TRP C 75 -33.01 21.13 1.32
C TRP C 75 -34.53 21.02 1.14
N TYR C 76 -34.98 20.67 -0.07
CA TYR C 76 -36.40 20.49 -0.31
C TYR C 76 -36.96 19.29 0.46
N GLN C 77 -36.18 18.22 0.63
CA GLN C 77 -36.64 17.09 1.44
C GLN C 77 -36.69 17.44 2.92
N ALA C 78 -35.92 18.44 3.34
CA ALA C 78 -35.88 18.91 4.72
C ALA C 78 -36.87 20.05 4.98
N GLY C 79 -37.82 20.27 4.07
CA GLY C 79 -38.74 21.38 4.16
C GLY C 79 -38.03 22.71 4.36
N TRP C 80 -36.82 22.82 3.83
CA TRP C 80 -36.00 24.03 3.90
C TRP C 80 -35.66 24.43 5.33
N ASN C 81 -35.77 23.50 6.29
CA ASN C 81 -35.50 23.83 7.67
C ASN C 81 -34.10 23.34 8.03
N PRO C 82 -33.16 24.24 8.32
CA PRO C 82 -31.76 23.81 8.54
C PRO C 82 -31.59 22.72 9.58
N ALA C 83 -32.48 22.65 10.58
CA ALA C 83 -32.31 21.67 11.63
C ALA C 83 -32.64 20.27 11.11
N VAL C 84 -33.74 20.14 10.37
CA VAL C 84 -34.02 18.89 9.69
C VAL C 84 -32.91 18.53 8.72
N PHE C 85 -32.29 19.54 8.11
CA PHE C 85 -31.19 19.28 7.17
C PHE C 85 -30.04 18.54 7.86
N LEU C 86 -29.52 19.12 8.95
CA LEU C 86 -28.41 18.49 9.65
C LEU C 86 -28.84 17.18 10.32
N ARG C 87 -30.07 17.14 10.85
CA ARG C 87 -30.54 15.94 11.54
C ARG C 87 -30.64 14.76 10.59
N ASP C 88 -31.29 14.95 9.45
CA ASP C 88 -31.53 13.87 8.51
C ASP C 88 -30.55 13.86 7.33
N LEU C 89 -29.42 14.56 7.46
CA LEU C 89 -28.50 14.70 6.32
C LEU C 89 -28.12 13.35 5.72
N PHE C 90 -27.83 12.35 6.55
CA PHE C 90 -27.43 11.06 6.04
C PHE C 90 -28.60 10.25 5.49
N PHE C 91 -29.84 10.70 5.73
CA PHE C 91 -31.02 9.96 5.32
C PHE C 91 -31.62 10.42 3.99
N PHE C 92 -31.48 11.69 3.63
CA PHE C 92 -32.02 12.18 2.38
C PHE C 92 -31.45 11.40 1.20
N SER C 93 -32.21 11.35 0.10
CA SER C 93 -31.74 10.56 -1.04
C SER C 93 -32.36 11.08 -2.33
N LEU C 94 -31.52 11.35 -3.33
CA LEU C 94 -31.96 11.72 -4.67
C LEU C 94 -32.04 10.41 -5.46
N GLU C 95 -33.26 9.89 -5.61
CA GLU C 95 -33.43 8.56 -6.19
C GLU C 95 -33.66 8.65 -7.70
N PRO C 96 -33.41 7.58 -8.43
CA PRO C 96 -33.64 7.59 -9.88
C PRO C 96 -35.13 7.54 -10.19
N PRO C 97 -35.51 7.79 -11.46
CA PRO C 97 -36.91 7.59 -11.86
C PRO C 97 -37.41 6.18 -11.59
N ALA C 98 -38.71 6.07 -11.33
CA ALA C 98 -39.38 4.79 -11.09
C ALA C 98 -39.37 3.95 -12.38
N PRO C 99 -39.49 2.62 -12.27
CA PRO C 99 -39.30 1.77 -13.45
C PRO C 99 -40.35 1.99 -14.53
N GLU C 100 -41.49 2.59 -14.17
CA GLU C 100 -42.54 2.91 -15.14
C GLU C 100 -42.00 3.77 -16.25
N TYR C 101 -41.04 4.66 -15.95
CA TYR C 101 -40.51 5.57 -16.94
C TYR C 101 -39.51 4.91 -17.88
N GLY C 102 -39.14 3.65 -17.64
CA GLY C 102 -38.21 2.97 -18.52
C GLY C 102 -36.91 3.74 -18.64
N LEU C 103 -36.43 3.90 -19.87
CA LEU C 103 -35.24 4.69 -20.15
C LEU C 103 -35.58 6.10 -20.65
N SER C 104 -36.80 6.56 -20.38
CA SER C 104 -37.21 7.88 -20.83
C SER C 104 -36.52 8.98 -20.04
N PHE C 105 -36.37 10.13 -20.69
CA PHE C 105 -35.86 11.33 -20.02
C PHE C 105 -36.99 12.27 -19.64
N ALA C 106 -38.24 11.77 -19.63
CA ALA C 106 -39.42 12.58 -19.38
C ALA C 106 -40.04 12.28 -18.01
N ALA C 107 -39.21 11.92 -17.03
CA ALA C 107 -39.73 11.84 -15.68
C ALA C 107 -39.85 13.25 -15.09
N PRO C 108 -40.92 13.53 -14.36
CA PRO C 108 -41.05 14.86 -13.73
C PRO C 108 -39.90 15.09 -12.76
N LEU C 109 -39.69 16.37 -12.43
CA LEU C 109 -38.52 16.79 -11.66
C LEU C 109 -38.47 16.07 -10.32
N LYS C 110 -39.60 16.06 -9.59
CA LYS C 110 -39.65 15.41 -8.29
C LYS C 110 -39.77 13.90 -8.36
N GLU C 111 -39.85 13.31 -9.55
CA GLU C 111 -40.05 11.87 -9.68
C GLU C 111 -38.96 11.25 -10.54
N GLY C 112 -37.74 11.74 -10.40
CA GLY C 112 -36.60 11.21 -11.14
C GLY C 112 -35.94 12.20 -12.07
N GLY C 113 -36.62 13.29 -12.41
CA GLY C 113 -36.02 14.30 -13.26
C GLY C 113 -34.72 14.84 -12.73
N LEU C 114 -34.71 15.28 -11.46
N LEU C 114 -34.71 15.27 -11.45
CA LEU C 114 -33.50 15.87 -10.89
CA LEU C 114 -33.51 15.87 -10.88
C LEU C 114 -32.36 14.87 -10.83
C LEU C 114 -32.36 14.87 -10.81
N TRP C 115 -32.67 13.59 -10.64
CA TRP C 115 -31.63 12.57 -10.68
C TRP C 115 -30.94 12.54 -12.03
N LEU C 116 -31.72 12.64 -13.12
CA LEU C 116 -31.11 12.63 -14.44
C LEU C 116 -30.27 13.89 -14.69
N ILE C 117 -30.73 15.05 -14.23
CA ILE C 117 -29.91 16.25 -14.36
C ILE C 117 -28.61 16.10 -13.57
N ALA C 118 -28.71 15.61 -12.32
CA ALA C 118 -27.50 15.44 -11.51
C ALA C 118 -26.50 14.50 -12.19
N SER C 119 -27.00 13.36 -12.69
CA SER C 119 -26.14 12.36 -13.28
C SER C 119 -25.43 12.90 -14.53
N PHE C 120 -26.12 13.73 -15.31
CA PHE C 120 -25.46 14.34 -16.46
C PHE C 120 -24.28 15.17 -16.02
N PHE C 121 -24.50 16.05 -15.03
CA PHE C 121 -23.42 16.87 -14.49
C PHE C 121 -22.25 16.02 -14.00
N MET C 122 -22.55 14.87 -13.39
CA MET C 122 -21.49 13.99 -12.90
C MET C 122 -20.76 13.32 -14.05
N PHE C 123 -21.49 13.01 -15.12
CA PHE C 123 -20.90 12.41 -16.31
C PHE C 123 -19.88 13.34 -16.96
N VAL C 124 -20.25 14.61 -17.11
CA VAL C 124 -19.31 15.59 -17.65
C VAL C 124 -18.11 15.77 -16.72
N ALA C 125 -18.33 15.78 -15.41
CA ALA C 125 -17.24 16.09 -14.48
C ALA C 125 -16.16 15.02 -14.49
N VAL C 126 -16.56 13.75 -14.53
CA VAL C 126 -15.61 12.65 -14.42
C VAL C 126 -14.82 12.47 -15.71
N TRP C 127 -15.50 12.55 -16.86
CA TRP C 127 -14.82 12.29 -18.11
C TRP C 127 -13.89 13.45 -18.47
N SER C 128 -14.26 14.67 -18.10
CA SER C 128 -13.35 15.77 -18.36
C SER C 128 -12.17 15.75 -17.40
N TRP C 129 -12.37 15.26 -16.17
CA TRP C 129 -11.25 15.00 -15.27
C TRP C 129 -10.32 13.94 -15.84
N TRP C 130 -10.88 12.87 -16.41
CA TRP C 130 -10.06 11.86 -17.06
C TRP C 130 -9.23 12.45 -18.20
N GLY C 131 -9.84 13.31 -19.04
CA GLY C 131 -9.06 13.97 -20.07
C GLY C 131 -7.90 14.76 -19.47
N ARG C 132 -8.14 15.36 -18.32
CA ARG C 132 -7.10 16.08 -17.60
C ARG C 132 -5.93 15.17 -17.21
N THR C 133 -6.22 13.97 -16.69
CA THR C 133 -5.11 13.11 -16.27
C THR C 133 -4.27 12.70 -17.46
N TYR C 134 -4.90 12.51 -18.62
CA TYR C 134 -4.13 12.21 -19.84
C TYR C 134 -3.26 13.40 -20.26
N LEU C 135 -3.87 14.59 -20.36
CA LEU C 135 -3.16 15.75 -20.91
C LEU C 135 -2.09 16.27 -19.95
N ARG C 136 -2.29 16.16 -18.64
CA ARG C 136 -1.25 16.61 -17.71
C ARG C 136 0.01 15.75 -17.84
N ALA C 137 -0.15 14.46 -18.15
CA ALA C 137 1.00 13.60 -18.36
C ALA C 137 1.64 13.86 -19.73
N GLN C 138 0.81 14.06 -20.75
CA GLN C 138 1.33 14.34 -22.08
C GLN C 138 2.17 15.62 -22.09
N ALA C 139 1.72 16.65 -21.36
CA ALA C 139 2.42 17.93 -21.35
C ALA C 139 3.80 17.81 -20.72
N LEU C 140 3.99 16.85 -19.82
CA LEU C 140 5.28 16.62 -19.18
C LEU C 140 6.09 15.53 -19.86
N GLY C 141 5.58 14.94 -20.95
CA GLY C 141 6.30 13.88 -21.64
C GLY C 141 6.26 12.52 -20.95
N MET C 142 5.33 12.30 -20.04
CA MET C 142 5.25 11.07 -19.27
C MET C 142 4.38 10.01 -19.96
N GLY C 143 4.59 8.75 -19.58
CA GLY C 143 3.68 7.70 -19.98
C GLY C 143 2.26 7.98 -19.51
N LYS C 144 1.31 7.25 -20.09
CA LYS C 144 -0.09 7.50 -19.84
C LYS C 144 -0.68 6.53 -18.80
N HIS C 145 0.16 5.95 -17.93
CA HIS C 145 -0.30 4.91 -17.01
C HIS C 145 -1.39 5.40 -16.06
N THR C 146 -1.38 6.67 -15.66
CA THR C 146 -2.38 7.15 -14.72
C THR C 146 -3.77 7.23 -15.37
N ALA C 147 -3.84 7.75 -16.59
CA ALA C 147 -5.11 7.80 -17.30
C ALA C 147 -5.67 6.40 -17.57
N TRP C 148 -4.80 5.44 -17.89
CA TRP C 148 -5.27 4.08 -18.11
C TRP C 148 -5.76 3.44 -16.81
N ALA C 149 -5.09 3.72 -15.68
CA ALA C 149 -5.55 3.16 -14.42
C ALA C 149 -6.86 3.79 -14.00
N PHE C 150 -7.02 5.10 -14.20
CA PHE C 150 -8.26 5.80 -13.88
C PHE C 150 -9.44 5.21 -14.67
N LEU C 151 -9.19 4.73 -15.88
N LEU C 151 -9.20 4.73 -15.88
CA LEU C 151 -10.22 4.11 -16.71
CA LEU C 151 -10.26 4.13 -16.70
C LEU C 151 -10.85 2.92 -16.01
C LEU C 151 -10.85 2.90 -16.03
N SER C 152 -10.05 2.17 -15.26
CA SER C 152 -10.57 0.99 -14.56
C SER C 152 -11.58 1.39 -13.49
N ALA C 153 -11.31 2.45 -12.75
CA ALA C 153 -12.29 2.95 -11.78
C ALA C 153 -13.52 3.47 -12.49
N ILE C 154 -13.33 4.18 -13.61
CA ILE C 154 -14.44 4.74 -14.38
C ILE C 154 -15.34 3.62 -14.89
N TRP C 155 -14.74 2.49 -15.27
CA TRP C 155 -15.49 1.36 -15.78
C TRP C 155 -16.57 0.90 -14.78
N LEU C 156 -16.20 0.69 -13.52
CA LEU C 156 -17.19 0.25 -12.53
C LEU C 156 -18.29 1.28 -12.34
N TRP C 157 -17.90 2.56 -12.23
CA TRP C 157 -18.88 3.63 -12.10
C TRP C 157 -19.79 3.69 -13.31
N MET C 158 -19.25 3.46 -14.52
CA MET C 158 -20.11 3.50 -15.70
C MET C 158 -21.10 2.34 -15.72
N VAL C 159 -20.66 1.15 -15.28
CA VAL C 159 -21.56 0.00 -15.27
C VAL C 159 -22.68 0.21 -14.25
N LEU C 160 -22.35 0.75 -13.08
CA LEU C 160 -23.34 0.90 -12.01
C LEU C 160 -24.44 1.86 -12.40
N GLY C 161 -24.08 3.02 -12.96
CA GLY C 161 -25.04 4.09 -13.18
C GLY C 161 -25.59 4.24 -14.58
N PHE C 162 -25.01 3.54 -15.56
CA PHE C 162 -25.28 3.85 -16.97
C PHE C 162 -25.42 2.57 -17.80
N ILE C 163 -24.37 1.77 -17.88
CA ILE C 163 -24.38 0.63 -18.80
C ILE C 163 -25.38 -0.42 -18.35
N ARG C 164 -25.33 -0.81 -17.08
CA ARG C 164 -26.25 -1.86 -16.62
C ARG C 164 -27.69 -1.38 -16.64
N PRO C 165 -28.04 -0.20 -16.12
CA PRO C 165 -29.44 0.24 -16.25
C PRO C 165 -29.94 0.25 -17.69
N ILE C 166 -29.08 0.66 -18.64
CA ILE C 166 -29.47 0.68 -20.04
C ILE C 166 -29.80 -0.73 -20.51
N LEU C 167 -28.90 -1.68 -20.27
CA LEU C 167 -29.18 -3.05 -20.66
C LEU C 167 -30.39 -3.62 -19.90
N MET C 168 -30.69 -3.11 -18.70
CA MET C 168 -31.81 -3.66 -17.96
C MET C 168 -33.14 -3.10 -18.45
N GLY C 169 -33.13 -1.87 -18.96
CA GLY C 169 -34.34 -1.24 -19.48
C GLY C 169 -34.83 -0.05 -18.69
N SER C 170 -34.20 0.31 -17.57
CA SER C 170 -34.72 1.43 -16.79
C SER C 170 -33.63 2.04 -15.91
N TRP C 171 -33.65 3.38 -15.84
CA TRP C 171 -32.86 4.15 -14.89
C TRP C 171 -33.13 3.76 -13.45
N SER C 172 -34.31 3.20 -13.15
CA SER C 172 -34.62 2.78 -11.78
C SER C 172 -33.59 1.79 -11.24
N GLU C 173 -32.85 1.09 -12.13
CA GLU C 173 -31.79 0.18 -11.71
C GLU C 173 -30.50 0.90 -11.27
N ALA C 174 -30.40 2.22 -11.43
CA ALA C 174 -29.17 2.92 -11.11
C ALA C 174 -29.09 3.17 -9.60
N VAL C 175 -28.04 3.86 -9.17
CA VAL C 175 -27.72 4.03 -7.75
C VAL C 175 -28.21 5.40 -7.31
N PRO C 176 -28.87 5.51 -6.15
CA PRO C 176 -29.30 6.82 -5.66
C PRO C 176 -28.15 7.60 -5.06
N TYR C 177 -28.31 8.92 -5.05
CA TYR C 177 -27.36 9.84 -4.43
C TYR C 177 -27.81 10.07 -3.00
N GLY C 178 -27.21 9.32 -2.08
CA GLY C 178 -27.44 9.47 -0.65
C GLY C 178 -26.51 8.57 0.14
N ILE C 179 -26.10 9.05 1.33
CA ILE C 179 -25.16 8.31 2.17
C ILE C 179 -25.72 6.94 2.51
N PHE C 180 -26.84 6.92 3.25
CA PHE C 180 -27.42 5.64 3.68
C PHE C 180 -28.15 4.92 2.56
N SER C 181 -28.86 5.66 1.69
CA SER C 181 -29.63 5.00 0.63
C SER C 181 -28.73 4.19 -0.31
N HIS C 182 -27.54 4.71 -0.65
CA HIS C 182 -26.70 3.93 -1.56
C HIS C 182 -26.13 2.70 -0.87
N LEU C 183 -25.93 2.75 0.46
CA LEU C 183 -25.67 1.53 1.23
C LEU C 183 -26.84 0.55 1.15
N ASP C 184 -28.06 1.01 1.44
CA ASP C 184 -29.23 0.14 1.34
C ASP C 184 -29.35 -0.47 -0.07
N TRP C 185 -29.03 0.34 -1.10
CA TRP C 185 -29.03 -0.15 -2.48
C TRP C 185 -28.09 -1.32 -2.65
N THR C 186 -26.86 -1.18 -2.13
CA THR C 186 -25.85 -2.22 -2.27
C THR C 186 -26.32 -3.53 -1.64
N ASN C 187 -26.84 -3.45 -0.40
CA ASN C 187 -27.38 -4.63 0.27
C ASN C 187 -28.51 -5.26 -0.54
N ASN C 188 -29.48 -4.44 -0.99
CA ASN C 188 -30.59 -5.04 -1.75
C ASN C 188 -30.11 -5.62 -3.07
N PHE C 189 -29.08 -5.03 -3.67
CA PHE C 189 -28.55 -5.61 -4.89
C PHE C 189 -28.16 -7.06 -4.68
N SER C 190 -27.41 -7.34 -3.60
CA SER C 190 -26.98 -8.73 -3.37
C SER C 190 -28.16 -9.65 -3.07
N LEU C 191 -29.12 -9.18 -2.27
CA LEU C 191 -30.30 -10.01 -1.99
C LEU C 191 -31.05 -10.36 -3.28
N VAL C 192 -31.30 -9.36 -4.13
CA VAL C 192 -32.08 -9.57 -5.35
C VAL C 192 -31.38 -10.56 -6.29
N HIS C 193 -30.06 -10.66 -6.25
CA HIS C 193 -29.33 -11.47 -7.22
C HIS C 193 -28.82 -12.78 -6.62
N GLY C 194 -29.39 -13.22 -5.51
CA GLY C 194 -28.99 -14.54 -5.04
C GLY C 194 -27.61 -14.60 -4.41
N ASN C 195 -27.21 -13.51 -3.70
CA ASN C 195 -26.05 -13.47 -2.82
C ASN C 195 -24.74 -13.22 -3.57
N LEU C 196 -24.26 -11.98 -3.53
CA LEU C 196 -23.11 -11.61 -4.36
C LEU C 196 -21.83 -12.33 -3.94
N HIS C 197 -21.78 -12.94 -2.74
CA HIS C 197 -20.61 -13.75 -2.38
C HIS C 197 -20.37 -14.86 -3.39
N TYR C 198 -21.41 -15.30 -4.10
CA TYR C 198 -21.28 -16.42 -5.02
C TYR C 198 -21.09 -15.96 -6.47
N ASN C 199 -21.00 -14.65 -6.68
CA ASN C 199 -20.54 -14.09 -7.95
C ASN C 199 -19.01 -14.17 -7.99
N PRO C 200 -18.47 -15.09 -8.78
CA PRO C 200 -17.00 -15.29 -8.77
C PRO C 200 -16.21 -14.03 -9.14
N PHE C 201 -16.77 -13.13 -9.96
CA PHE C 201 -16.09 -11.87 -10.22
C PHE C 201 -16.08 -10.96 -9.00
N HIS C 202 -17.11 -11.05 -8.15
CA HIS C 202 -17.09 -10.39 -6.84
C HIS C 202 -16.00 -10.99 -5.96
N GLY C 203 -15.85 -12.32 -6.00
CA GLY C 203 -14.76 -12.95 -5.26
C GLY C 203 -13.40 -12.48 -5.75
N LEU C 204 -13.18 -12.48 -7.07
CA LEU C 204 -11.94 -11.98 -7.62
C LEU C 204 -11.71 -10.53 -7.20
N SER C 205 -12.76 -9.69 -7.31
CA SER C 205 -12.62 -8.29 -6.92
C SER C 205 -12.16 -8.15 -5.47
N ILE C 206 -12.66 -9.02 -4.58
CA ILE C 206 -12.27 -8.97 -3.16
C ILE C 206 -10.82 -9.42 -2.98
N ALA C 207 -10.41 -10.51 -3.65
CA ALA C 207 -9.04 -10.95 -3.56
C ALA C 207 -8.04 -9.85 -3.93
N PHE C 208 -8.36 -9.02 -4.93
CA PHE C 208 -7.48 -7.92 -5.34
C PHE C 208 -7.61 -6.73 -4.41
N LEU C 209 -8.77 -6.53 -3.78
CA LEU C 209 -8.88 -5.45 -2.80
C LEU C 209 -8.02 -5.77 -1.58
N TYR C 210 -8.20 -6.98 -1.03
CA TYR C 210 -7.30 -7.50 -0.01
C TYR C 210 -5.85 -7.49 -0.51
N GLY C 211 -5.64 -8.02 -1.71
CA GLY C 211 -4.30 -8.07 -2.28
C GLY C 211 -3.65 -6.70 -2.40
N SER C 212 -4.45 -5.66 -2.64
CA SER C 212 -3.90 -4.30 -2.72
C SER C 212 -3.41 -3.84 -1.37
N ALA C 213 -4.14 -4.20 -0.29
CA ALA C 213 -3.71 -3.77 1.03
C ALA C 213 -2.49 -4.57 1.47
N LEU C 214 -2.49 -5.86 1.16
CA LEU C 214 -1.32 -6.69 1.35
C LEU C 214 -0.10 -6.10 0.63
N LEU C 215 -0.23 -5.81 -0.66
CA LEU C 215 0.93 -5.39 -1.44
C LEU C 215 1.44 -4.03 -1.00
N PHE C 216 0.55 -3.08 -0.70
CA PHE C 216 1.06 -1.77 -0.32
C PHE C 216 1.68 -1.81 1.08
N ALA C 217 1.14 -2.64 1.98
CA ALA C 217 1.81 -2.89 3.25
C ALA C 217 3.22 -3.43 3.03
N MET C 218 3.35 -4.45 2.17
CA MET C 218 4.67 -5.00 1.88
C MET C 218 5.59 -3.97 1.24
N HIS C 219 5.08 -3.22 0.26
CA HIS C 219 5.97 -2.36 -0.49
C HIS C 219 6.30 -1.11 0.30
N GLY C 220 5.32 -0.57 1.03
CA GLY C 220 5.61 0.59 1.86
C GLY C 220 6.61 0.25 2.96
N ALA C 221 6.41 -0.89 3.62
CA ALA C 221 7.34 -1.32 4.67
C ALA C 221 8.71 -1.64 4.11
N THR C 222 8.76 -2.28 2.93
CA THR C 222 10.07 -2.59 2.34
C THR C 222 10.87 -1.33 2.06
N ILE C 223 10.22 -0.32 1.48
CA ILE C 223 10.94 0.89 1.10
C ILE C 223 11.40 1.65 2.34
N LEU C 224 10.57 1.69 3.38
CA LEU C 224 11.00 2.35 4.62
C LEU C 224 12.17 1.59 5.23
N ALA C 225 12.14 0.24 5.18
CA ALA C 225 13.23 -0.57 5.72
C ALA C 225 14.56 -0.35 4.99
N VAL C 226 14.53 0.09 3.72
CA VAL C 226 15.76 0.37 2.97
C VAL C 226 15.92 1.87 2.71
N SER C 227 15.15 2.72 3.38
CA SER C 227 15.35 4.15 3.24
C SER C 227 16.71 4.59 3.77
N ARG C 228 17.28 3.82 4.69
CA ARG C 228 18.63 4.10 5.20
C ARG C 228 19.71 3.95 4.11
N PHE C 229 19.36 3.41 2.94
CA PHE C 229 20.26 3.41 1.78
C PHE C 229 19.69 4.18 0.60
N GLY C 230 18.75 5.10 0.84
CA GLY C 230 18.19 5.89 -0.24
C GLY C 230 17.16 5.15 -1.08
N GLY C 231 16.49 4.15 -0.48
CA GLY C 231 15.60 3.25 -1.22
C GLY C 231 14.41 3.93 -1.88
N GLU C 232 13.89 5.03 -1.30
CA GLU C 232 12.73 5.66 -1.91
C GLU C 232 13.09 6.43 -3.19
N ARG C 233 14.37 6.57 -3.53
CA ARG C 233 14.72 7.23 -4.77
C ARG C 233 14.64 6.18 -5.88
N GLU C 234 13.40 5.78 -6.18
CA GLU C 234 13.20 4.53 -6.93
C GLU C 234 13.63 4.66 -8.39
N LEU C 235 13.49 5.86 -8.98
CA LEU C 235 13.86 6.04 -10.39
C LEU C 235 15.36 5.86 -10.62
N GLU C 236 16.18 6.45 -9.75
CA GLU C 236 17.63 6.30 -9.93
C GLU C 236 18.10 4.91 -9.53
N GLN C 237 17.35 4.23 -8.66
CA GLN C 237 17.64 2.82 -8.39
C GLN C 237 17.27 1.95 -9.58
N ILE C 238 16.31 2.39 -10.39
CA ILE C 238 16.02 1.68 -11.64
C ILE C 238 17.18 1.85 -12.64
N ALA C 239 17.66 3.10 -12.78
CA ALA C 239 18.74 3.42 -13.71
C ALA C 239 20.09 2.90 -13.24
N ASP C 240 20.26 2.64 -11.95
CA ASP C 240 21.58 2.30 -11.41
C ASP C 240 21.38 1.60 -10.07
N ARG C 241 21.11 0.29 -10.12
CA ARG C 241 20.76 -0.50 -8.93
C ARG C 241 21.76 -0.27 -7.80
N GLY C 242 21.24 0.08 -6.61
CA GLY C 242 22.10 0.27 -5.44
C GLY C 242 21.85 -0.83 -4.40
N THR C 243 22.57 -0.72 -3.28
CA THR C 243 22.40 -1.75 -2.25
C THR C 243 20.97 -1.73 -1.67
N ALA C 244 20.27 -0.59 -1.74
CA ALA C 244 18.85 -0.57 -1.33
C ALA C 244 18.01 -1.57 -2.14
N ALA C 245 18.13 -1.54 -3.46
CA ALA C 245 17.33 -2.44 -4.32
C ALA C 245 17.74 -3.90 -4.14
N GLU C 246 19.02 -4.16 -3.89
CA GLU C 246 19.47 -5.53 -3.74
C GLU C 246 18.94 -6.13 -2.43
N ARG C 247 19.07 -5.39 -1.32
CA ARG C 247 18.60 -5.86 -0.02
C ARG C 247 17.09 -6.02 0.00
N ALA C 248 16.36 -5.10 -0.64
CA ALA C 248 14.92 -5.25 -0.74
C ALA C 248 14.55 -6.53 -1.50
N ALA C 249 15.21 -6.76 -2.65
CA ALA C 249 14.98 -8.01 -3.38
C ALA C 249 15.35 -9.22 -2.54
N LEU C 250 16.48 -9.15 -1.82
CA LEU C 250 16.96 -10.36 -1.14
C LEU C 250 16.12 -10.68 0.09
N PHE C 251 15.60 -9.68 0.78
CA PHE C 251 14.65 -9.95 1.86
C PHE C 251 13.52 -10.85 1.35
N TRP C 252 12.90 -10.47 0.23
CA TRP C 252 11.72 -11.19 -0.20
C TRP C 252 12.11 -12.54 -0.79
N ARG C 253 13.27 -12.62 -1.44
N ARG C 253 13.26 -12.61 -1.47
CA ARG C 253 13.72 -13.89 -1.98
CA ARG C 253 13.72 -13.89 -1.98
C ARG C 253 14.01 -14.89 -0.86
C ARG C 253 13.95 -14.87 -0.83
N TRP C 254 14.69 -14.45 0.20
CA TRP C 254 15.00 -15.34 1.31
C TRP C 254 13.72 -15.73 2.06
N THR C 255 12.73 -14.83 2.08
CA THR C 255 11.50 -15.06 2.83
C THR C 255 10.52 -15.96 2.08
N MET C 256 10.24 -15.68 0.80
CA MET C 256 9.21 -16.42 0.08
C MET C 256 9.68 -17.05 -1.23
N GLY C 257 10.98 -17.04 -1.52
CA GLY C 257 11.53 -17.78 -2.64
C GLY C 257 11.62 -17.05 -3.97
N PHE C 258 11.04 -15.85 -4.11
CA PHE C 258 11.18 -15.10 -5.36
C PHE C 258 11.09 -13.62 -5.02
N ASN C 259 11.34 -12.77 -6.01
CA ASN C 259 11.46 -11.34 -5.73
C ASN C 259 11.11 -10.54 -6.96
N ALA C 260 11.07 -9.23 -6.78
CA ALA C 260 10.79 -8.25 -7.80
C ALA C 260 12.03 -7.40 -8.07
N THR C 261 11.89 -6.46 -9.00
CA THR C 261 12.88 -5.40 -9.20
C THR C 261 12.24 -4.07 -8.80
N MET C 262 13.08 -3.03 -8.74
N MET C 262 13.07 -3.02 -8.75
CA MET C 262 12.56 -1.72 -8.38
CA MET C 262 12.53 -1.71 -8.35
C MET C 262 11.47 -1.27 -9.35
C MET C 262 11.49 -1.21 -9.36
N GLU C 263 11.69 -1.50 -10.65
CA GLU C 263 10.64 -1.19 -11.63
C GLU C 263 9.51 -2.20 -11.60
N GLY C 264 9.84 -3.48 -11.53
CA GLY C 264 8.82 -4.49 -11.68
C GLY C 264 7.79 -4.51 -10.55
N ILE C 265 8.19 -4.10 -9.34
CA ILE C 265 7.21 -4.08 -8.23
C ILE C 265 6.10 -3.09 -8.52
N HIS C 266 6.38 -2.03 -9.29
CA HIS C 266 5.33 -1.08 -9.63
C HIS C 266 4.39 -1.60 -10.71
N ARG C 267 4.81 -2.63 -11.45
CA ARG C 267 3.89 -3.29 -12.35
C ARG C 267 2.96 -4.25 -11.60
N TRP C 268 3.49 -5.01 -10.65
CA TRP C 268 2.62 -5.76 -9.73
C TRP C 268 1.59 -4.84 -9.08
N ALA C 269 2.03 -3.67 -8.62
CA ALA C 269 1.16 -2.76 -7.88
C ALA C 269 0.05 -2.20 -8.76
N ILE C 270 0.38 -1.74 -9.98
CA ILE C 270 -0.65 -1.10 -10.78
C ILE C 270 -1.70 -2.13 -11.18
N TRP C 271 -1.27 -3.35 -11.46
CA TRP C 271 -2.22 -4.35 -11.90
C TRP C 271 -3.07 -4.87 -10.74
N MET C 272 -2.47 -5.02 -9.56
CA MET C 272 -3.24 -5.49 -8.41
C MET C 272 -4.41 -4.54 -8.13
N ALA C 273 -4.17 -3.22 -8.18
CA ALA C 273 -5.22 -2.26 -7.88
C ALA C 273 -6.25 -2.17 -9.01
N VAL C 274 -5.77 -2.13 -10.25
CA VAL C 274 -6.64 -1.96 -11.43
C VAL C 274 -7.63 -3.12 -11.55
N LEU C 275 -7.20 -4.33 -11.22
CA LEU C 275 -8.06 -5.51 -11.30
C LEU C 275 -9.24 -5.46 -10.33
N VAL C 276 -9.15 -4.67 -9.24
CA VAL C 276 -10.30 -4.53 -8.34
C VAL C 276 -11.55 -4.11 -9.11
N THR C 277 -11.47 -2.95 -9.76
CA THR C 277 -12.64 -2.42 -10.42
C THR C 277 -12.86 -3.04 -11.79
N LEU C 278 -11.81 -3.62 -12.40
CA LEU C 278 -11.97 -4.36 -13.64
C LEU C 278 -12.88 -5.56 -13.43
N THR C 279 -12.50 -6.45 -12.51
CA THR C 279 -13.33 -7.63 -12.24
C THR C 279 -14.68 -7.24 -11.64
N GLY C 280 -14.69 -6.23 -10.77
CA GLY C 280 -15.94 -5.82 -10.16
C GLY C 280 -16.95 -5.35 -11.19
N GLY C 281 -16.51 -4.54 -12.16
CA GLY C 281 -17.43 -4.06 -13.19
C GLY C 281 -18.03 -5.18 -14.00
N ILE C 282 -17.23 -6.19 -14.35
CA ILE C 282 -17.74 -7.35 -15.08
C ILE C 282 -18.83 -8.05 -14.26
N GLY C 283 -18.54 -8.29 -12.97
CA GLY C 283 -19.49 -9.02 -12.14
C GLY C 283 -20.82 -8.31 -11.99
N ILE C 284 -20.78 -6.98 -11.89
CA ILE C 284 -22.01 -6.22 -11.79
C ILE C 284 -22.74 -6.24 -13.13
N LEU C 285 -21.98 -6.16 -14.23
CA LEU C 285 -22.57 -6.11 -15.56
C LEU C 285 -23.38 -7.38 -15.85
N LEU C 286 -22.89 -8.55 -15.42
CA LEU C 286 -23.57 -9.83 -15.65
C LEU C 286 -24.75 -10.07 -14.71
N SER C 287 -24.97 -9.22 -13.72
CA SER C 287 -26.01 -9.45 -12.71
C SER C 287 -27.33 -8.89 -13.22
N GLY C 288 -28.31 -9.77 -13.42
CA GLY C 288 -29.64 -9.38 -13.88
C GLY C 288 -29.80 -9.34 -15.38
N THR C 289 -28.69 -9.22 -16.11
CA THR C 289 -28.66 -9.31 -17.56
C THR C 289 -28.48 -10.75 -18.02
N VAL C 290 -27.56 -11.48 -17.41
CA VAL C 290 -27.27 -12.84 -17.84
C VAL C 290 -27.59 -13.79 -16.70
N VAL C 291 -27.32 -13.37 -15.47
CA VAL C 291 -27.47 -14.23 -14.29
C VAL C 291 -28.39 -13.56 -13.28
N ASP C 292 -29.49 -14.22 -12.93
CA ASP C 292 -30.43 -13.69 -11.96
C ASP C 292 -30.13 -14.13 -10.54
N ASN C 293 -29.46 -15.27 -10.36
CA ASN C 293 -29.25 -15.82 -9.03
C ASN C 293 -27.87 -16.47 -8.97
N TRP C 294 -26.93 -15.78 -8.33
CA TRP C 294 -25.55 -16.24 -8.34
C TRP C 294 -25.39 -17.56 -7.59
N TYR C 295 -26.04 -17.69 -6.41
CA TYR C 295 -26.00 -18.95 -5.68
C TYR C 295 -26.46 -20.12 -6.54
N VAL C 296 -27.63 -19.99 -7.17
CA VAL C 296 -28.17 -21.05 -8.01
C VAL C 296 -27.26 -21.29 -9.21
N TRP C 297 -26.87 -20.21 -9.90
CA TRP C 297 -25.89 -20.30 -10.96
C TRP C 297 -24.64 -21.04 -10.47
N GLY C 298 -24.11 -20.64 -9.30
CA GLY C 298 -22.97 -21.32 -8.75
C GLY C 298 -23.22 -22.81 -8.52
N GLN C 299 -24.44 -23.16 -8.08
CA GLN C 299 -24.72 -24.55 -7.74
C GLN C 299 -24.57 -25.47 -8.95
N ASN C 300 -25.07 -25.04 -10.11
CA ASN C 300 -25.03 -25.86 -11.30
C ASN C 300 -23.64 -25.91 -11.94
N HIS C 301 -22.68 -25.12 -11.44
CA HIS C 301 -21.28 -25.24 -11.84
C HIS C 301 -20.43 -25.57 -10.61
N GLY C 302 -19.14 -25.24 -10.65
CA GLY C 302 -18.24 -25.52 -9.54
C GLY C 302 -18.62 -24.80 -8.24
N1 LDA D . 12.94 -18.10 -9.61
O1 LDA D . 13.83 -17.24 -9.51
CM1 LDA D . 12.96 -18.69 -10.96
CM2 LDA D . 13.17 -19.18 -8.64
C1 LDA D . 11.67 -17.45 -9.34
C2 LDA D . 10.51 -18.35 -9.75
C3 LDA D . 9.30 -17.47 -10.05
C4 LDA D . 8.07 -17.88 -9.25
C5 LDA D . 6.96 -16.84 -9.40
C6 LDA D . 5.59 -17.40 -9.04
C7 LDA D . 4.50 -16.37 -9.21
C8 LDA D . 3.35 -16.68 -8.26
C9 LDA D . 2.22 -15.66 -8.35
C10 LDA D . 1.71 -15.33 -6.95
C11 LDA D . 0.69 -14.20 -6.98
C12 LDA D . -0.71 -14.76 -6.80
C18 OLC E . -3.89 24.57 -4.27
C10 OLC E . -4.12 15.66 -1.35
C9 OLC E . -3.64 14.41 -1.16
C17 OLC E . -3.74 23.46 -3.23
C11 OLC E . -4.85 16.07 -2.61
C8 OLC E . -3.77 13.31 -2.18
C24 OLC E . 5.72 12.00 -6.09
C16 OLC E . -4.81 22.37 -3.32
C12 OLC E . -5.61 17.38 -2.41
C7 OLC E . -2.62 12.31 -2.05
C15 OLC E . -4.34 21.08 -2.63
C13 OLC E . -4.67 18.58 -2.30
C6 OLC E . -2.84 11.04 -2.88
C14 OLC E . -5.35 19.92 -2.63
C5 OLC E . -1.60 10.14 -2.83
C4 OLC E . -1.29 9.48 -4.18
C3 OLC E . 0.09 9.93 -4.68
C2 OLC E . 0.76 8.87 -5.58
C21 OLC E . 4.24 10.34 -4.97
C1 OLC E . 2.28 9.07 -5.61
C22 OLC E . 4.75 11.77 -4.94
O19 OLC E . 3.06 8.15 -5.88
O25 OLC E . 6.51 10.82 -6.15
O23 OLC E . 3.63 12.66 -5.01
O20 OLC E . 2.86 10.36 -5.30
C1 MYS F . -1.52 -19.38 21.22
C2 MYS F . -2.73 -20.18 20.79
C3 MYS F . -3.84 -19.28 20.27
C4 MYS F . -5.02 -20.10 19.74
C5 MYS F . -5.82 -20.75 20.87
C6 MYS F . -7.05 -21.48 20.32
C7 MYS F . -7.86 -22.14 21.42
C8 MYS F . -8.20 -23.58 21.05
C9 MYS F . -7.69 -24.55 22.10
C10 MYS F . -8.51 -24.42 23.40
C11 MYS F . -8.30 -25.62 24.32
C12 MYS F . -9.20 -25.49 25.55
C13 MYS F . -9.27 -26.79 26.36
C14 MYS F . -8.04 -27.01 27.25
C15 MYS F . -8.35 -27.98 28.36
C1 MYS G . 1.52 -11.49 17.09
C2 MYS G . 2.89 -12.01 16.70
C3 MYS G . 3.96 -10.92 16.70
C4 MYS G . 5.26 -11.46 16.08
C5 MYS G . 6.42 -10.49 16.25
C6 MYS G . 6.34 -9.35 15.23
C7 MYS G . 7.72 -8.74 14.96
C8 MYS G . 7.75 -7.28 15.38
C9 MYS G . 8.98 -6.55 14.86
C10 MYS G . 9.73 -5.91 16.02
C11 MYS G . 10.37 -4.57 15.65
C12 MYS G . 9.35 -3.48 15.34
C13 MYS G . 10.01 -2.13 15.07
C14 MYS G . 9.31 -1.36 13.95
C15 MYS G . 8.43 -0.24 14.50
MG BCL H . -17.83 -6.17 5.79
CHA BCL H . -15.29 -7.65 7.73
CHB BCL H . -15.36 -4.66 3.98
CHC BCL H . -20.09 -5.63 3.30
CHD BCL H . -20.11 -8.33 7.29
NA BCL H . -15.63 -6.18 5.86
C1A BCL H . -14.78 -6.78 6.79
C2A BCL H . -13.33 -6.45 6.51
C3A BCL H . -13.45 -5.22 5.62
C4A BCL H . -14.84 -5.37 5.04
CMA BCL H . -13.36 -3.94 6.44
CAA BCL H . -12.58 -7.61 5.85
CBA BCL H . -11.05 -7.38 5.81
CGA BCL H . -10.32 -7.77 7.08
O1A BCL H . -10.73 -7.68 8.20
O2A BCL H . -9.12 -8.31 6.83
NB BCL H . -17.73 -5.33 3.89
C1B BCL H . -16.63 -4.65 3.37
C2B BCL H . -16.97 -4.04 2.15
C3B BCL H . -18.35 -4.23 1.93
C4B BCL H . -18.79 -5.12 3.03
CMB BCL H . -15.89 -3.32 1.29
CAB BCL H . -19.26 -3.72 0.88
OBB BCL H . -20.51 -3.84 0.97
CBB BCL H . -18.76 -3.02 -0.36
NC BCL H . -19.82 -6.87 5.38
C1C BCL H . -20.57 -6.53 4.28
C2C BCL H . -22.01 -6.93 4.43
C3C BCL H . -21.93 -8.01 5.52
C4C BCL H . -20.56 -7.79 6.10
CMC BCL H . -22.94 -5.79 4.87
CAC BCL H . -22.27 -9.45 5.03
CBC BCL H . -21.28 -10.04 4.06
ND BCL H . -17.77 -7.69 7.16
C1D BCL H . -18.79 -8.45 7.76
C2D BCL H . -18.28 -9.25 8.82
C3D BCL H . -16.92 -8.98 8.87
C4D BCL H . -16.63 -8.06 7.86
CMD BCL H . -19.12 -10.18 9.69
CAD BCL H . -15.67 -9.45 9.35
OBD BCL H . -15.41 -10.34 10.17
CBD BCL H . -14.52 -8.62 8.66
CGD BCL H . -13.67 -7.95 9.65
O1D BCL H . -13.74 -6.76 9.97
O2D BCL H . -12.76 -8.73 10.21
CED BCL H . -11.96 -8.08 11.25
C1 BCL H . -8.31 -8.75 7.95
C2 BCL H . -7.35 -9.73 7.36
C3 BCL H . -7.28 -11.01 7.66
C4 BCL H . -8.19 -11.70 8.69
C5 BCL H . -6.23 -11.92 6.99
C6 BCL H . -5.27 -12.67 7.98
C7 BCL H . -4.25 -13.60 7.27
C8 BCL H . -3.32 -14.44 8.19
C9 BCL H . -2.46 -13.59 9.15
C10 BCL H . -2.32 -15.28 7.39
C11 BCL H . -2.93 -16.22 6.39
C12 BCL H . -1.80 -17.04 5.81
C13 BCL H . -2.29 -18.09 4.82
C14 BCL H . -3.20 -19.12 5.48
C15 BCL H . -1.02 -18.75 4.32
C16 BCL H . -1.33 -19.52 3.07
C17 BCL H . -0.17 -20.14 2.26
C18 BCL H . 0.35 -19.18 1.24
C19 BCL H . -0.86 -19.03 0.30
C20 BCL H . 1.53 -19.64 0.38
MG BCL I . -11.41 -15.20 3.38
CHA BCL I . -12.08 -14.75 0.02
CHB BCL I . -8.62 -17.00 2.45
CHC BCL I . -10.27 -15.02 6.56
CHD BCL I . -13.85 -12.81 4.18
NA BCL I . -10.49 -15.74 1.47
C1A BCL I . -10.99 -15.56 0.20
C2A BCL I . -10.04 -16.07 -0.85
C3A BCL I . -9.18 -17.05 -0.05
C4A BCL I . -9.41 -16.62 1.37
CMA BCL I . -9.61 -18.49 -0.28
CAA BCL I . -9.15 -14.97 -1.50
CBA BCL I . -8.24 -14.20 -0.49
CGA BCL I . -7.13 -13.38 -1.07
O1A BCL I . -6.73 -13.52 -2.19
O2A BCL I . -6.60 -12.45 -0.24
NB BCL I . -9.71 -15.86 4.36
C1B BCL I . -8.68 -16.61 3.80
C2B BCL I . -7.73 -16.95 4.79
C3B BCL I . -8.15 -16.34 5.99
C4B BCL I . -9.41 -15.70 5.68
CMB BCL I . -6.50 -17.81 4.50
CAB BCL I . -7.53 -16.32 7.31
OBB BCL I . -7.76 -15.42 8.14
CBB BCL I . -6.57 -17.39 7.75
NC BCL I . -11.97 -14.07 5.10
C1C BCL I . -11.40 -14.21 6.33
C2C BCL I . -12.21 -13.55 7.40
C3C BCL I . -13.00 -12.53 6.59
C4C BCL I . -13.02 -13.18 5.22
CMC BCL I . -13.11 -14.53 8.15
CAC BCL I . -12.41 -11.10 6.60
CBC BCL I . -11.03 -10.96 5.98
ND BCL I . -12.63 -13.94 2.37
C1D BCL I . -13.72 -13.14 2.79
C2D BCL I . -14.58 -12.80 1.70
C3D BCL I . -13.99 -13.41 0.58
C4D BCL I . -12.83 -14.07 1.02
CMD BCL I . -15.86 -11.97 1.79
CAD BCL I . -14.05 -13.62 -0.85
OBD BCL I . -14.87 -13.23 -1.68
CBD BCL I . -12.84 -14.49 -1.28
CGD BCL I . -13.29 -15.65 -2.02
O1D BCL I . -13.48 -15.67 -3.22
O2D BCL I . -13.50 -16.73 -1.29
CED BCL I . -13.93 -17.95 -1.96
C1 BCL I . -5.48 -11.57 -0.68
C2 BCL I . -4.24 -12.46 -0.66
C3 BCL I . -3.47 -12.79 -1.72
C4 BCL I . -3.68 -12.31 -3.15
C5 BCL I . -2.26 -13.70 -1.57
C6 BCL I . -2.51 -15.20 -1.70
C7 BCL I . -3.40 -15.79 -0.60
C8 BCL I . -3.75 -17.26 -0.82
C9 BCL I . -4.43 -17.45 -2.18
C10 BCL I . -4.67 -17.77 0.30
C11 BCL I . -4.95 -19.24 0.05
C12 BCL I . -5.29 -19.99 1.34
C13 BCL I . -5.55 -21.47 1.06
C14 BCL I . -6.76 -21.65 0.16
C15 BCL I . -5.78 -22.18 2.41
C16 BCL I . -4.53 -22.74 3.08
C17 BCL I . -3.93 -23.85 2.21
C18 BCL I . -2.84 -24.60 2.96
C19 BCL I . -2.33 -25.71 2.00
C20 BCL I . -3.37 -25.22 4.26
O1D BPH J . 5.36 -13.20 3.64
CGD BPH J . 4.40 -12.46 3.60
O2D BPH J . 3.93 -12.04 2.43
CED BPH J . 4.57 -12.70 1.26
CBD BPH J . 3.66 -11.95 4.79
CHA BPH J . 2.12 -11.92 4.71
C4D BPH J . 1.81 -10.56 4.90
C3D BPH J . 2.90 -9.70 5.16
CAD BPH J . 4.07 -10.50 5.09
OBD BPH J . 5.29 -10.21 5.23
C2D BPH J . 2.38 -8.43 5.31
CMD BPH J . 3.12 -7.13 5.59
C1D BPH J . 0.97 -8.58 5.15
ND BPH J . 0.62 -9.89 4.90
CHD BPH J . -0.05 -7.59 5.21
C4C BPH J . -1.42 -7.81 5.09
C3C BPH J . -2.43 -6.71 4.95
CAC BPH J . -2.22 -5.41 5.86
CBC BPH J . -2.12 -5.65 7.38
C2C BPH J . -3.71 -7.49 5.19
CMC BPH J . -4.92 -6.93 4.47
C1C BPH J . -3.32 -8.87 4.73
NC BPH J . -1.97 -9.03 4.75
CHC BPH J . -4.22 -9.89 4.40
C4B BPH J . -4.03 -11.23 3.96
C3B BPH J . -5.03 -12.18 3.52
CAB BPH J . -6.45 -11.85 3.48
CBB BPH J . -7.55 -12.90 3.58
OBB BPH J . -6.84 -10.67 3.37
C2B BPH J . -4.33 -13.34 3.23
CMB BPH J . -4.83 -14.68 2.71
C1B BPH J . -2.98 -13.11 3.46
NB BPH J . -2.79 -11.81 3.93
CHB BPH J . -1.95 -14.03 3.28
C4A BPH J . -0.59 -13.87 3.53
C3A BPH J . 0.47 -14.88 3.22
CMA BPH J . 0.76 -14.98 1.72
C2A BPH J . 1.68 -14.33 3.99
C1A BPH J . 1.31 -12.92 4.22
NA BPH J . -0.05 -12.72 4.08
CAA BPH J . 1.94 -15.12 5.31
CBA BPH J . 2.58 -16.49 5.02
CGA BPH J . 2.72 -17.39 6.22
O1A BPH J . 2.41 -17.10 7.33
O2A BPH J . 3.25 -18.57 6.02
C1 BPH J . 3.36 -19.41 7.21
C2 BPH J . 2.15 -20.34 7.15
C3 BPH J . 2.00 -21.33 6.25
C4 BPH J . 3.00 -21.71 5.16
C5 BPH J . 0.75 -22.24 6.24
C6 BPH J . 0.08 -22.47 7.57
C7 BPH J . -1.20 -23.26 7.37
C8 BPH J . -2.11 -23.53 8.56
C9 BPH J . -1.33 -24.24 9.70
C10 BPH J . -3.27 -24.39 8.04
C11 BPH J . -4.33 -23.56 7.35
C12 BPH J . -5.05 -22.74 8.40
C13 BPH J . -5.97 -21.63 7.90
C14 BPH J . -6.59 -20.88 9.07
C15 BPH J . -7.09 -22.21 7.01
C16 BPH J . -7.90 -21.16 6.26
C17 BPH J . -8.93 -21.60 5.20
C18 BPH J . -9.61 -20.47 4.45
C19 BPH J . -10.35 -19.60 5.49
C20 BPH J . -10.62 -20.92 3.39
OAA NKP K . 4.85 1.82 -21.18
OAB NKP K . 6.93 0.52 -20.50
PAC NKP K . 5.42 0.61 -20.46
OAD NKP K . 4.88 0.49 -19.05
OAE NKP K . 1.27 -4.00 -20.70
OAF NKP K . 5.01 -0.71 -21.32
CAG NKP K . 3.65 -0.86 -21.76
CAH NKP K . 3.43 -2.33 -22.08
CAI NKP K . 2.15 -2.63 -22.82
OAJ NKP K . 1.92 -4.05 -22.85
CAK NKP K . 1.47 -4.61 -21.72
CAL NKP K . 1.21 -6.09 -21.87
CAM NKP K . 0.69 -6.75 -20.60
CAN NKP K . 0.62 -8.27 -20.65
CAO NKP K . -0.70 -8.84 -21.14
CAP NKP K . -0.76 -10.36 -21.16
CAQ NKP K . -2.08 -10.92 -21.63
CAR NKP K . -2.11 -12.45 -21.72
CAS NKP K . -3.34 -12.97 -22.40
CAT NKP K . -3.68 -14.23 -22.62
CAU NKP K . -2.99 -15.50 -22.20
CAV NKP K . -1.57 -15.71 -22.74
CAW NKP K . -1.25 -17.16 -23.05
CAX NKP K . -1.60 -18.13 -21.93
CAY NKP K . -0.68 -18.05 -20.72
CAZ NKP K . 0.70 -18.63 -20.93
CBA NKP K . 1.55 -18.71 -19.67
CBB NKP K . 2.82 -19.52 -19.83
OBC NKP K . 4.55 -2.82 -22.83
C1 U10 L . 8.48 -5.92 -2.58
C2 U10 L . 9.23 -4.76 -2.73
C3 U10 L . 10.46 -4.78 -3.40
C4 U10 L . 10.91 -5.99 -3.97
C5 U10 L . 10.14 -7.15 -3.81
C6 U10 L . 8.93 -7.12 -3.13
C1M U10 L . 7.18 -5.78 -1.81
C3M U10 L . 11.17 -2.57 -3.62
C4M U10 L . 12.80 -5.29 -5.20
C7 U10 L . 8.13 -8.41 -2.99
C8 U10 L . 6.85 -8.38 -3.82
C9 U10 L . 6.66 -9.21 -5.03
C10 U10 L . 7.71 -10.19 -5.44
C11 U10 L . 5.39 -9.06 -5.84
C12 U10 L . 4.59 -10.37 -5.86
C13 U10 L . 4.06 -10.65 -4.47
C14 U10 L . 2.61 -10.69 -4.22
C15 U10 L . 1.63 -10.48 -5.33
C16 U10 L . 2.12 -10.95 -2.83
C17 U10 L . 1.52 -12.35 -2.80
C18 U10 L . 2.61 -13.31 -2.42
C19 U10 L . 2.37 -14.75 -2.60
C20 U10 L . 0.99 -15.26 -2.89
C21 U10 L . 3.50 -15.73 -2.50
C22 U10 L . 3.31 -16.48 -1.19
C23 U10 L . 4.32 -17.60 -1.12
C24 U10 L . 4.88 -17.90 0.20
C25 U10 L . 4.21 -17.40 1.44
C26 U10 L . 6.13 -18.72 0.30
C27 U10 L . 5.88 -20.15 -0.18
C28 U10 L . 6.48 -21.03 0.89
C29 U10 L . 6.95 -22.39 0.57
C30 U10 L . 6.89 -22.90 -0.83
C31 U10 L . 7.48 -23.24 1.70
C32 U10 L . 8.97 -22.97 1.95
C33 U10 L . 9.18 -21.94 3.04
C34 U10 L . 9.32 -22.31 4.46
C35 U10 L . 8.40 -23.30 5.11
C36 U10 L . 10.39 -21.63 5.30
C37 U10 L . 11.45 -22.61 5.78
C38 U10 L . 12.24 -23.13 4.61
C39 U10 L . 12.30 -24.57 4.31
C40 U10 L . 12.91 -25.03 3.02
C41 U10 L . 11.75 -25.57 5.30
C42 U10 L . 12.85 -26.12 6.21
C43 U10 L . 13.56 -27.25 5.52
C44 U10 L . 14.57 -28.07 6.23
C45 U10 L . 14.46 -28.25 7.72
C46 U10 L . 15.68 -28.71 5.43
C47 U10 L . 16.88 -28.99 6.34
C48 U10 L . 17.97 -29.68 5.55
C49 U10 L . 19.11 -30.27 6.29
C50 U10 L . 19.07 -30.31 7.79
C51 U10 L . 20.28 -30.85 5.55
C52 U10 L . 21.32 -29.77 5.26
C53 U10 L . 22.41 -30.36 4.39
C54 U10 L . 23.67 -30.90 4.95
C55 U10 L . 23.93 -30.87 6.43
C56 U10 L . 24.71 -31.47 4.03
O2 U10 L . 8.75 -3.69 -2.30
O3 U10 L . 11.28 -3.89 -3.11
O4 U10 L . 12.10 -6.14 -4.32
O5 U10 L . 10.65 -8.22 -4.11
OAA NKP M . 0.30 5.13 -23.60
OAB NKP M . 2.21 5.48 -21.99
PAC NKP M . 1.35 4.46 -22.70
OAD NKP M . 2.13 3.33 -23.41
OAE NKP M . -0.10 -0.61 -17.22
OAF NKP M . 0.50 3.62 -21.53
CAG NKP M . 1.24 2.80 -20.57
CAH NKP M . 0.70 1.40 -20.43
CAI NKP M . -0.68 1.34 -19.81
OAJ NKP M . -0.85 0.02 -19.23
CAK NKP M . -0.94 -0.05 -17.89
CAL NKP M . -2.18 0.66 -17.38
CAM NKP M . -2.98 -0.08 -16.34
CAN NKP M . -3.71 -1.30 -16.87
CAO NKP M . -4.80 -1.02 -17.87
CAP NKP M . -6.02 -0.38 -17.28
CAQ NKP M . -7.31 -1.20 -17.41
CAR NKP M . -7.83 -1.30 -18.81
CAS NKP M . -9.04 -0.45 -19.05
CAT NKP M . -10.21 -0.65 -18.54
CAU NKP M . -11.51 -0.22 -19.17
CAV NKP M . -12.57 -1.28 -19.11
CAW NKP M . -13.08 -1.74 -20.47
CAX NKP M . -13.94 -3.00 -20.45
CAY NKP M . -13.28 -4.23 -19.88
CAZ NKP M . -13.58 -5.53 -20.63
CBA NKP M . -14.99 -6.05 -20.47
CBB NKP M . -15.77 -6.21 -21.76
OBC NKP M . 0.67 0.76 -21.71
MG BCL N . -19.87 4.16 -1.61
CHA BCL N . -18.40 4.28 1.53
CHB BCL N . -18.98 7.40 -2.06
CHC BCL N . -20.18 3.69 -4.97
CHD BCL N . -20.51 0.79 -1.14
NA BCL N . -18.80 5.61 -0.40
C1A BCL N . -18.39 5.50 0.90
C2A BCL N . -17.69 6.75 1.34
C3A BCL N . -18.26 7.79 0.35
C4A BCL N . -18.68 6.94 -0.79
CMA BCL N . -19.47 8.53 0.90
CAA BCL N . -16.15 6.60 1.28
CBA BCL N . -15.53 6.39 -0.13
CGA BCL N . -14.03 6.27 -0.15
O1A BCL N . -13.40 5.66 0.69
O2A BCL N . -13.43 6.87 -1.19
NB BCL N . -19.59 5.34 -3.28
C1B BCL N . -19.26 6.68 -3.26
C2B BCL N . -19.22 7.19 -4.58
C3B BCL N . -19.55 6.14 -5.47
C4B BCL N . -19.79 4.99 -4.59
CMB BCL N . -18.89 8.67 -4.86
CAB BCL N . -19.66 6.11 -6.93
OBB BCL N . -20.07 5.12 -7.56
CBB BCL N . -19.28 7.29 -7.78
NC BCL N . -20.28 2.48 -2.86
C1C BCL N . -20.47 2.53 -4.21
C2C BCL N . -21.12 1.30 -4.78
C3C BCL N . -21.19 0.37 -3.56
C4C BCL N . -20.62 1.22 -2.44
CMC BCL N . -22.51 1.52 -5.37
CAC BCL N . -20.43 -0.94 -3.78
CBC BCL N . -18.96 -0.60 -3.99
ND BCL N . -19.47 2.76 -0.19
C1D BCL N . -19.92 1.45 -0.05
C2D BCL N . -19.75 1.00 1.29
C3D BCL N . -19.13 2.04 1.97
C4D BCL N . -18.99 3.10 1.05
CMD BCL N . -20.20 -0.35 1.80
CAD BCL N . -18.76 2.54 3.22
OBD BCL N . -18.82 2.02 4.35
CBD BCL N . -18.21 3.99 3.03
CGD BCL N . -18.89 4.92 3.96
O1D BCL N . -18.34 5.59 4.80
O2D BCL N . -20.20 4.99 3.79
CED BCL N . -20.95 5.88 4.66
C1 BCL N . -11.95 6.83 -1.36
C2 BCL N . -11.60 8.16 -1.97
C3 BCL N . -11.26 9.19 -1.26
C4 BCL N . -11.20 9.23 0.26
C5 BCL N . -10.92 10.51 -1.91
C6 BCL N . -11.92 11.62 -1.55
C7 BCL N . -13.34 11.19 -1.94
C8 BCL N . -14.57 11.95 -1.40
C9 BCL N . -14.60 12.00 0.15
C10 BCL N . -15.88 11.30 -1.92
C11 BCL N . -17.11 12.14 -1.66
C12 BCL N . -18.42 11.40 -1.96
C13 BCL N . -19.65 12.31 -1.79
C14 BCL N . -19.66 13.42 -2.84
C15 BCL N . -19.63 12.92 -0.35
C16 BCL N . -20.71 13.82 0.31
C17 BCL N . -20.30 14.28 1.74
C18 BCL N . -21.26 15.12 2.60
C19 BCL N . -22.51 14.24 2.78
C20 BCL N . -21.67 16.50 2.05
MG BCL O . -19.18 -6.49 -2.05
CHA BCL O . -18.69 -4.35 -4.71
CHB BCL O . -15.89 -6.01 -1.18
CHC BCL O . -19.76 -8.20 0.81
CHD BCL O . -22.65 -5.95 -2.34
NA BCL O . -17.53 -5.31 -2.86
C1A BCL O . -17.51 -4.57 -4.04
C2A BCL O . -16.10 -4.22 -4.47
C3A BCL O . -15.23 -4.72 -3.29
C4A BCL O . -16.23 -5.39 -2.37
CMA BCL O . -14.16 -5.71 -3.74
CAA BCL O . -15.93 -2.71 -4.70
CBA BCL O . -14.56 -2.28 -5.32
CGA BCL O . -14.28 -0.84 -5.16
O1A BCL O . -13.18 -0.38 -5.06
O2A BCL O . -15.38 -0.07 -5.20
NB BCL O . -18.04 -6.97 -0.39
C1B BCL O . -16.66 -6.77 -0.25
C2B BCL O . -16.18 -7.41 0.91
C3B BCL O . -17.27 -8.07 1.49
C4B BCL O . -18.43 -7.76 0.67
CMB BCL O . -14.71 -7.33 1.34
CAB BCL O . -17.36 -8.92 2.65
OBB BCL O . -18.16 -9.88 2.67
CBB BCL O . -16.51 -8.72 3.90
NC BCL O . -20.95 -6.94 -0.92
C1C BCL O . -20.95 -7.83 0.14
C2C BCL O . -22.31 -8.41 0.39
C3C BCL O . -23.21 -7.36 -0.30
C4C BCL O . -22.27 -6.77 -1.31
CMC BCL O . -22.46 -9.81 -0.18
CAC BCL O . -23.75 -6.25 0.61
CBC BCL O . -24.76 -6.80 1.59
ND BCL O . -20.44 -5.35 -3.19
C1D BCL O . -21.83 -5.32 -3.33
C2D BCL O . -22.23 -4.63 -4.51
C3D BCL O . -21.03 -4.23 -5.11
C4D BCL O . -20.00 -4.67 -4.29
CMD BCL O . -23.66 -4.41 -4.94
CAD BCL O . -20.40 -3.56 -6.19
OBD BCL O . -20.87 -2.85 -7.10
CBD BCL O . -18.89 -3.86 -6.13
CGD BCL O . -18.43 -4.84 -7.13
O1D BCL O . -17.51 -4.61 -7.88
O2D BCL O . -19.11 -5.99 -7.15
CED BCL O . -18.57 -7.06 -7.99
C1 BCL O . -15.17 1.39 -4.98
C2 BCL O . -14.94 2.11 -6.33
C3 BCL O . -15.85 2.66 -7.14
C4 BCL O . -17.36 2.67 -6.93
C5 BCL O . -15.43 3.38 -8.45
C6 BCL O . -15.62 4.91 -8.33
C7 BCL O . -15.06 5.62 -9.54
C8 BCL O . -15.60 7.01 -9.82
C9 BCL O . -14.94 7.48 -11.15
C10 BCL O . -15.28 8.00 -8.69
C11 BCL O . -16.04 9.31 -8.74
C12 BCL O . -15.74 10.28 -7.58
C13 BCL O . -16.75 11.43 -7.56
C14 BCL O . -16.52 12.39 -8.71
C15 BCL O . -16.63 12.23 -6.25
C16 BCL O . -15.39 13.05 -6.11
C17 BCL O . -15.39 14.01 -4.90
C18 BCL O . -14.12 14.86 -4.82
C19 BCL O . -12.99 13.89 -4.45
C20 BCL O . -14.16 15.99 -3.78
O1D BPH P . -7.36 12.32 -10.01
CGD BPH P . -7.40 11.16 -9.62
O2D BPH P . -6.76 10.78 -8.53
CED BPH P . -6.08 11.84 -7.79
CBD BPH P . -8.13 10.10 -10.31
CHA BPH P . -9.20 9.33 -9.50
C4D BPH P . -8.73 8.00 -9.56
C3D BPH P . -7.63 7.77 -10.38
CAD BPH P . -7.19 9.02 -10.85
OBD BPH P . -6.22 9.31 -11.58
C2D BPH P . -7.31 6.42 -10.28
CMD BPH P . -6.16 5.67 -10.93
C1D BPH P . -8.27 5.88 -9.41
ND BPH P . -9.17 6.86 -8.97
CHD BPH P . -8.42 4.54 -8.96
C4C BPH P . -9.37 4.03 -8.10
C3C BPH P . -9.41 2.61 -7.56
CAC BPH P . -9.32 1.44 -8.59
CBC BPH P . -8.01 1.24 -9.29
C2C BPH P . -10.77 2.56 -6.83
CMC BPH P . -10.69 1.90 -5.46
C1C BPH P . -11.15 3.99 -6.76
NC BPH P . -10.38 4.79 -7.54
CHC BPH P . -12.28 4.46 -6.06
C4B BPH P . -12.74 5.76 -5.77
C3B BPH P . -13.78 6.11 -4.82
CAB BPH P . -14.51 5.12 -4.04
CBB BPH P . -16.02 5.20 -3.84
OBB BPH P . -13.93 4.16 -3.52
C2B BPH P . -13.85 7.51 -4.85
CMB BPH P . -14.79 8.43 -4.09
C1B BPH P . -12.86 7.96 -5.76
NB BPH P . -12.19 6.89 -6.32
CHB BPH P . -12.55 9.30 -6.07
C4A BPH P . -11.60 9.80 -6.94
C3A BPH P . -11.24 11.26 -7.07
CMA BPH P . -10.34 11.74 -5.93
C2A BPH P . -10.54 11.30 -8.44
C1A BPH P . -10.08 9.86 -8.58
NA BPH P . -10.87 9.02 -7.83
CAA BPH P . -11.50 11.76 -9.58
CBA BPH P . -11.76 13.29 -9.64
CGA BPH P . -13.01 13.58 -10.44
O1A BPH P . -13.50 12.86 -11.22
O2A BPH P . -13.53 14.70 -10.17
C1 BPH P . -14.75 15.15 -10.82
C2 BPH P . -15.46 16.01 -9.77
C3 BPH P . -15.05 17.23 -9.47
C4 BPH P . -13.86 17.93 -10.12
C5 BPH P . -15.76 18.10 -8.42
C6 BPH P . -16.23 17.42 -7.14
C7 BPH P . -16.80 18.41 -6.14
C8 BPH P . -17.08 17.81 -4.75
C9 BPH P . -18.00 16.58 -4.86
C10 BPH P . -17.72 18.82 -3.79
C11 BPH P . -17.04 20.09 -3.27
C12 BPH P . -17.60 20.50 -1.89
C13 BPH P . -17.32 21.96 -1.44
C14 BPH P . -17.93 22.99 -2.39
C15 BPH P . -15.81 22.27 -1.31
C16 BPH P . -15.05 21.86 -0.03
C17 BPH P . -14.11 23.03 0.40
C18 BPH P . -13.34 22.88 1.71
C19 BPH P . -12.70 24.26 1.97
C20 BPH P . -12.27 21.78 1.71
FE FE Q . 7.39 2.56 -4.76
CMA SPN R . -25.84 23.88 2.00
O1 SPN R . -25.87 22.75 1.14
CM1 SPN R . -27.03 23.15 -0.93
CM2 SPN R . -24.71 23.99 -0.58
C1 SPN R . -25.69 22.87 -0.28
C2 SPN R . -25.15 21.56 -0.81
O2 SPN R . -24.69 21.49 -1.94
C3 SPN R . -25.18 20.32 0.07
C4 SPN R . -24.54 19.13 -0.61
C5 SPN R . -24.67 17.88 -0.14
CM3 SPN R . -25.45 17.61 1.10
C6 SPN R . -23.98 16.75 -0.88
C7 SPN R . -24.73 15.42 -0.90
C8 SPN R . -24.03 14.50 -1.86
C9 SPN R . -24.01 13.16 -1.70
CM4 SPN R . -24.71 12.55 -0.52
C10 SPN R . -23.28 12.29 -2.70
C11 SPN R . -23.59 10.80 -2.52
C12 SPN R . -23.29 10.10 -3.83
C13 SPN R . -23.07 8.77 -3.93
CM5 SPN R . -23.10 7.90 -2.71
C14 SPN R . -22.77 8.20 -5.31
C15 SPN R . -23.14 6.74 -5.47
C16 SPN R . -23.03 6.24 -6.92
C17 SPN R . -23.26 7.33 -7.98
C18 SPN R . -23.26 6.75 -9.39
CM6 SPN R . -23.05 5.27 -9.60
C19 SPN R . -23.41 7.59 -10.45
C20 SPN R . -23.43 7.09 -11.89
C21 SPN R . -23.55 8.24 -12.89
C22 SPN R . -23.85 7.77 -14.32
CM7 SPN R . -22.72 6.88 -14.86
C23 SPN R . -24.13 8.97 -15.24
C24 SPN R . -25.35 8.75 -16.13
C25 SPN R . -25.63 9.96 -17.00
C26 SPN R . -26.83 10.22 -17.54
CM8 SPN R . -27.98 9.29 -17.30
C27 SPN R . -27.03 11.45 -18.40
C28 SPN R . -27.06 11.08 -19.88
C29 SPN R . -25.90 11.72 -20.61
C30 SPN R . -25.79 11.67 -21.95
CM9 SPN R . -24.62 12.32 -22.63
CMB SPN R . -26.85 10.98 -22.78
N1 LDA S . -12.96 -17.50 -7.25
O1 LDA S . -12.71 -18.64 -6.80
CM1 LDA S . -12.76 -17.48 -8.72
CM2 LDA S . -14.38 -17.20 -6.98
C1 LDA S . -12.12 -16.50 -6.59
C2 LDA S . -10.71 -17.10 -6.48
C3 LDA S . -9.71 -16.17 -5.78
C4 LDA S . -8.29 -16.35 -6.36
C5 LDA S . -7.33 -15.21 -6.00
C6 LDA S . -6.02 -15.25 -6.81
C7 LDA S . -5.35 -13.88 -6.87
C8 LDA S . -4.18 -13.81 -7.85
C9 LDA S . -3.36 -12.52 -7.72
C10 LDA S . -2.70 -12.10 -9.04
C11 LDA S . -1.73 -10.94 -8.88
C12 LDA S . -1.91 -9.85 -9.94
C1 MYS T . -2.25 -19.80 -4.19
C2 MYS T . -0.98 -20.11 -4.96
C3 MYS T . 0.23 -19.55 -4.24
C4 MYS T . 1.50 -19.76 -5.07
C5 MYS T . 2.78 -19.54 -4.28
C6 MYS T . 4.00 -19.76 -5.18
C7 MYS T . 5.27 -20.03 -4.38
C8 MYS T . 6.47 -19.99 -5.33
C9 MYS T . 7.80 -20.14 -4.61
C10 MYS T . 8.92 -20.01 -5.64
C11 MYS T . 10.11 -20.89 -5.27
C12 MYS T . 10.86 -21.33 -6.54
C13 MYS T . 12.30 -21.77 -6.24
C14 MYS T . 12.89 -22.51 -7.43
C15 MYS T . 14.41 -22.51 -7.39
C1 EDO U . 12.46 23.08 -17.15
O1 EDO U . 11.25 22.34 -16.90
C2 EDO U . 12.87 22.54 -18.50
O2 EDO U . 11.72 21.83 -18.94
P PO4 V . 9.63 7.75 14.29
O1 PO4 V . 10.92 7.13 14.81
O2 PO4 V . 9.46 9.13 14.89
O3 PO4 V . 9.70 7.86 12.79
O4 PO4 V . 8.44 6.89 14.68
#